data_8TF7
#
_entry.id   8TF7
#
_cell.length_a   105.992
_cell.length_b   105.992
_cell.length_c   235.824
_cell.angle_alpha   90.00
_cell.angle_beta   90.00
_cell.angle_gamma   90.00
#
_symmetry.space_group_name_H-M   'P 41 21 2'
#
loop_
_entity.id
_entity.type
_entity.pdbx_description
1 polymer 'AMP-binding protein'
2 water water
#
_entity_poly.entity_id   1
_entity_poly.type   'polypeptide(L)'
_entity_poly.pdbx_seq_one_letter_code
;MMISEDLRQKVLADAALGAGNVIHRLPLYGRSLDEEVLWLDGTWRAPDGSRPEVLTLGGLHEVVAEYAGFYTRAGVRAKD
AVAIVSTSITDFALNLMALTGIGAIASLVNANMPAETRREYIRRQRVVGIMTREPWHADLLAHLDDDEPPLFVALQSEVE
PGNREHRPAAYPFRHAPGDPILISHSSGTTGIPKSAFHTHETLFHGALSRLADGLDCSTRKRLLALPGHHVSAMSNTLLG
LTLGAPVVHYTDPSGKAVLDGIEKHRPTIVFGFTHTFTEMAAEDLTDRDLTSVEAYYASGDAAHAVHIRRLLDKGYHTAT
GPDLKPKKVPGAIFIDMFGSTEMGYVLFDFVHRAGGPVIGRCIGRPMRFAQAAVVGEDGSVLPPGQVGRLGVRSKSLTPG
FWNDNVRWHKQWLGGYFLTGDLAYRDAANTFYHLDRTTDAIRTEEGFVYSAYTEEVLLREYPEILDCTVVGLADEGVEFG
WEDEGVATVYALVNLVEGAEAPQDPTAWINEALGRAGLPRVAGAAIVTEDTIPVGITGKVLKRVVRAEARKLIGGCLEHH
HHHH(END)
;
_entity_poly.pdbx_strand_id   A,B
#
loop_
_chem_comp.id
_chem_comp.type
_chem_comp.name
_chem_comp.formula
END non-polymer 1,6:5,9:8,12:11,16-TETRAANHYDRO-2,3,4,10,13,14-HEXADEOXY-D-GLYCERO-D-ALLO-D-GULO-HEPTADECA-2,13-DIENITOL 'C17 H24 O7'
#
# COMPACT_ATOMS: atom_id res chain seq x y z
N MET A 1 29.93 19.44 14.39
CA MET A 1 30.93 18.34 14.29
C MET A 1 30.26 17.03 13.88
N MET A 2 30.90 16.31 12.97
CA MET A 2 30.41 15.02 12.54
C MET A 2 30.45 14.02 13.69
N ILE A 3 29.47 13.12 13.72
CA ILE A 3 29.47 12.07 14.73
C ILE A 3 30.77 11.27 14.62
N SER A 4 31.08 10.54 15.69
CA SER A 4 32.28 9.73 15.72
C SER A 4 32.14 8.51 14.81
N GLU A 5 33.28 7.90 14.49
CA GLU A 5 33.28 6.68 13.68
C GLU A 5 32.66 5.52 14.43
N ASP A 6 32.76 5.50 15.77
CA ASP A 6 32.16 4.43 16.54
C ASP A 6 30.64 4.45 16.41
N LEU A 7 30.04 5.62 16.58
CA LEU A 7 28.59 5.72 16.41
C LEU A 7 28.19 5.44 14.97
N ARG A 8 28.97 5.92 14.01
CA ARG A 8 28.69 5.63 12.61
C ARG A 8 28.61 4.12 12.37
N GLN A 9 29.64 3.39 12.82
CA GLN A 9 29.68 1.96 12.57
C GLN A 9 28.58 1.22 13.31
N LYS A 10 28.20 1.71 14.50
CA LYS A 10 27.12 1.06 15.24
C LYS A 10 25.77 1.23 14.53
N VAL A 11 25.53 2.42 13.99
CA VAL A 11 24.26 2.69 13.33
C VAL A 11 24.15 1.90 12.03
N LEU A 12 25.19 1.95 11.20
CA LEU A 12 25.16 1.22 9.93
C LEU A 12 25.21 -0.28 10.12
N ALA A 13 25.61 -0.74 11.31
CA ALA A 13 25.58 -2.16 11.64
C ALA A 13 24.26 -2.60 12.27
N ASP A 14 23.35 -1.67 12.54
CA ASP A 14 22.09 -1.96 13.23
C ASP A 14 20.99 -2.04 12.19
N ALA A 15 20.78 -3.24 11.66
CA ALA A 15 19.74 -3.45 10.65
C ALA A 15 18.34 -3.24 11.20
N ALA A 16 18.17 -3.22 12.52
CA ALA A 16 16.86 -3.06 13.13
C ALA A 16 16.48 -1.61 13.37
N LEU A 17 17.46 -0.70 13.36
CA LEU A 17 17.17 0.70 13.63
C LEU A 17 16.24 1.27 12.56
N GLY A 18 15.20 1.96 13.01
CA GLY A 18 14.30 2.68 12.15
C GLY A 18 13.50 3.68 12.96
N ALA A 19 12.54 4.31 12.28
CA ALA A 19 11.79 5.39 12.91
C ALA A 19 10.91 4.91 14.06
N GLY A 20 10.64 3.61 14.16
CA GLY A 20 9.77 3.10 15.19
C GLY A 20 10.42 2.66 16.48
N ASN A 21 11.76 2.66 16.56
CA ASN A 21 12.42 2.16 17.76
C ASN A 21 13.70 2.93 18.08
N VAL A 22 13.78 4.20 17.66
CA VAL A 22 15.00 4.98 17.85
C VAL A 22 15.44 4.96 19.31
N ILE A 23 14.58 5.42 20.21
CA ILE A 23 15.02 5.65 21.59
C ILE A 23 15.48 4.35 22.24
N HIS A 24 14.96 3.22 21.79
CA HIS A 24 15.32 1.94 22.38
C HIS A 24 16.67 1.42 21.90
N ARG A 25 17.17 1.91 20.76
CA ARG A 25 18.49 1.50 20.31
C ARG A 25 19.60 2.30 20.99
N LEU A 26 19.30 3.53 21.42
CA LEU A 26 20.35 4.40 21.97
C LEU A 26 21.07 3.78 23.15
N PRO A 27 20.40 3.21 24.15
CA PRO A 27 21.14 2.54 25.23
C PRO A 27 22.06 1.44 24.71
N LEU A 28 21.63 0.71 23.68
CA LEU A 28 22.43 -0.38 23.15
C LEU A 28 23.74 0.13 22.55
N TYR A 29 23.72 1.33 21.96
CA TYR A 29 24.95 1.93 21.46
C TYR A 29 25.87 2.42 22.57
N GLY A 30 25.44 2.35 23.81
CA GLY A 30 26.22 2.81 24.93
C GLY A 30 25.81 4.15 25.51
N ARG A 31 24.70 4.72 25.05
CA ARG A 31 24.25 6.00 25.58
C ARG A 31 23.89 5.86 27.06
N SER A 32 24.04 6.94 27.80
CA SER A 32 23.77 6.96 29.23
C SER A 32 22.35 7.43 29.48
N LEU A 33 21.63 6.72 30.36
CA LEU A 33 20.29 7.12 30.73
C LEU A 33 20.25 8.44 31.48
N ASP A 34 21.38 8.85 32.06
CA ASP A 34 21.43 10.07 32.87
C ASP A 34 21.67 11.33 32.05
N GLU A 35 21.95 11.19 30.76
CA GLU A 35 22.31 12.35 29.94
C GLU A 35 21.07 13.04 29.41
N GLU A 36 21.12 14.38 29.39
CA GLU A 36 20.02 15.17 28.84
C GLU A 36 20.07 15.13 27.32
N VAL A 37 18.90 14.98 26.70
CA VAL A 37 18.82 14.74 25.27
C VAL A 37 17.79 15.62 24.59
N LEU A 38 16.71 15.94 25.30
CA LEU A 38 15.61 16.71 24.74
C LEU A 38 15.29 17.89 25.63
N TRP A 39 15.12 19.06 25.03
CA TRP A 39 14.81 20.29 25.75
C TRP A 39 13.42 20.75 25.34
N LEU A 40 12.58 21.02 26.32
CA LEU A 40 11.19 21.40 26.10
C LEU A 40 10.97 22.86 26.50
N ASP A 41 9.92 23.45 25.96
CA ASP A 41 9.62 24.86 26.16
C ASP A 41 8.68 25.12 27.33
N GLY A 42 8.32 24.08 28.09
CA GLY A 42 7.52 24.24 29.28
C GLY A 42 6.01 24.11 29.07
N THR A 43 5.55 24.02 27.83
CA THR A 43 4.12 23.91 27.58
C THR A 43 3.60 22.49 27.71
N TRP A 44 4.47 21.49 27.85
CA TRP A 44 4.04 20.10 27.94
C TRP A 44 4.00 19.69 29.41
N ARG A 45 2.83 19.24 29.84
CA ARG A 45 2.65 18.76 31.21
C ARG A 45 2.94 17.26 31.25
N ALA A 46 3.89 16.88 32.10
CA ALA A 46 4.24 15.48 32.26
C ALA A 46 3.16 14.76 33.06
N PRO A 47 3.20 13.43 33.12
CA PRO A 47 2.17 12.70 33.86
C PRO A 47 2.12 13.07 35.33
N ASP A 48 3.27 13.31 35.97
CA ASP A 48 3.28 13.66 37.38
C ASP A 48 2.85 15.10 37.64
N GLY A 49 2.49 15.84 36.60
CA GLY A 49 2.07 17.22 36.75
C GLY A 49 3.14 18.25 36.45
N SER A 50 4.40 17.82 36.35
CA SER A 50 5.47 18.75 36.07
C SER A 50 5.31 19.38 34.68
N ARG A 51 6.08 20.45 34.44
CA ARG A 51 6.26 21.03 33.12
C ARG A 51 7.75 21.02 32.83
N PRO A 52 8.33 19.85 32.54
CA PRO A 52 9.78 19.75 32.42
C PRO A 52 10.30 20.57 31.26
N GLU A 53 11.47 21.18 31.46
CA GLU A 53 12.16 21.90 30.40
C GLU A 53 13.26 21.07 29.75
N VAL A 54 13.67 19.97 30.37
CA VAL A 54 14.63 19.04 29.79
C VAL A 54 14.29 17.64 30.25
N LEU A 55 14.62 16.65 29.42
CA LEU A 55 14.43 15.25 29.75
C LEU A 55 15.72 14.49 29.48
N THR A 56 16.07 13.57 30.38
CA THR A 56 17.16 12.65 30.11
C THR A 56 16.66 11.48 29.27
N LEU A 57 17.62 10.70 28.77
CA LEU A 57 17.27 9.47 28.07
C LEU A 57 16.41 8.57 28.95
N GLY A 58 16.87 8.32 30.18
CA GLY A 58 16.06 7.54 31.10
C GLY A 58 14.70 8.16 31.35
N GLY A 59 14.66 9.49 31.50
CA GLY A 59 13.40 10.15 31.73
C GLY A 59 12.49 10.09 30.52
N LEU A 60 13.03 10.33 29.33
CA LEU A 60 12.23 10.20 28.12
C LEU A 60 11.67 8.80 27.99
N HIS A 61 12.46 7.78 28.35
CA HIS A 61 11.96 6.41 28.32
C HIS A 61 10.78 6.24 29.26
N GLU A 62 10.90 6.77 30.49
CA GLU A 62 9.82 6.63 31.46
C GLU A 62 8.56 7.31 30.98
N VAL A 63 8.67 8.59 30.59
CA VAL A 63 7.51 9.31 30.08
C VAL A 63 6.84 8.52 28.96
N VAL A 64 7.64 7.97 28.04
CA VAL A 64 7.08 7.27 26.90
C VAL A 64 6.45 5.95 27.34
N ALA A 65 7.08 5.25 28.30
CA ALA A 65 6.51 3.99 28.77
C ALA A 65 5.18 4.21 29.47
N GLU A 66 5.02 5.33 30.19
CA GLU A 66 3.74 5.61 30.84
C GLU A 66 2.64 5.77 29.79
N TYR A 67 2.89 6.56 28.75
CA TYR A 67 1.92 6.69 27.67
C TYR A 67 1.64 5.34 27.02
N ALA A 68 2.68 4.52 26.85
CA ALA A 68 2.48 3.21 26.24
C ALA A 68 1.58 2.34 27.09
N GLY A 69 1.74 2.39 28.41
CA GLY A 69 0.89 1.61 29.29
C GLY A 69 -0.55 2.07 29.25
N PHE A 70 -0.77 3.39 29.33
CA PHE A 70 -2.12 3.93 29.23
C PHE A 70 -2.82 3.43 27.97
N TYR A 71 -2.12 3.46 26.84
CA TYR A 71 -2.72 3.00 25.59
C TYR A 71 -3.05 1.52 25.64
N THR A 72 -2.17 0.72 26.27
CA THR A 72 -2.40 -0.72 26.33
C THR A 72 -3.58 -1.05 27.25
N ARG A 73 -3.57 -0.50 28.46
CA ARG A 73 -4.73 -0.67 29.34
C ARG A 73 -6.01 -0.25 28.64
N ALA A 74 -5.93 0.80 27.81
CA ALA A 74 -7.10 1.31 27.12
C ALA A 74 -7.57 0.42 25.98
N GLY A 75 -6.73 -0.49 25.50
CA GLY A 75 -7.12 -1.42 24.46
C GLY A 75 -6.41 -1.27 23.13
N VAL A 76 -5.44 -0.36 23.02
CA VAL A 76 -4.70 -0.22 21.77
C VAL A 76 -3.81 -1.44 21.59
N ARG A 77 -3.77 -1.97 20.37
CA ARG A 77 -2.95 -3.12 20.06
C ARG A 77 -2.10 -2.85 18.81
N ALA A 78 -1.14 -3.72 18.57
CA ALA A 78 -0.28 -3.58 17.41
C ALA A 78 -1.11 -3.44 16.15
N LYS A 79 -0.68 -2.52 15.27
CA LYS A 79 -1.27 -2.25 13.97
C LYS A 79 -2.55 -1.42 14.07
N ASP A 80 -2.92 -0.94 15.25
CA ASP A 80 -4.04 -0.01 15.39
C ASP A 80 -3.55 1.41 15.15
N ALA A 81 -4.45 2.24 14.63
CA ALA A 81 -4.19 3.67 14.45
C ALA A 81 -4.86 4.46 15.57
N VAL A 82 -4.13 5.44 16.09
CA VAL A 82 -4.62 6.31 17.15
C VAL A 82 -4.38 7.76 16.72
N ALA A 83 -5.42 8.59 16.81
CA ALA A 83 -5.36 9.96 16.36
C ALA A 83 -4.85 10.86 17.48
N ILE A 84 -3.74 11.55 17.23
CA ILE A 84 -3.22 12.58 18.13
C ILE A 84 -3.63 13.92 17.55
N VAL A 85 -4.62 14.57 18.18
CA VAL A 85 -5.15 15.85 17.71
C VAL A 85 -4.60 16.93 18.62
N SER A 86 -3.59 17.66 18.14
CA SER A 86 -2.88 18.63 18.95
C SER A 86 -2.18 19.63 18.04
N THR A 87 -1.42 20.53 18.65
CA THR A 87 -0.58 21.48 17.92
C THR A 87 0.85 21.51 18.42
N SER A 88 1.19 20.72 19.43
CA SER A 88 2.51 20.75 20.05
C SER A 88 3.40 19.67 19.44
N ILE A 89 4.56 20.09 18.94
CA ILE A 89 5.55 19.14 18.45
C ILE A 89 5.92 18.13 19.53
N THR A 90 5.88 18.55 20.80
CA THR A 90 6.19 17.63 21.89
C THR A 90 5.08 16.63 22.11
N ASP A 91 3.83 17.06 21.98
CA ASP A 91 2.71 16.11 22.03
C ASP A 91 2.87 15.03 20.98
N PHE A 92 3.05 15.44 19.72
CA PHE A 92 3.13 14.48 18.63
C PHE A 92 4.35 13.56 18.80
N ALA A 93 5.47 14.11 19.25
CA ALA A 93 6.69 13.31 19.33
C ALA A 93 6.58 12.23 20.39
N LEU A 94 6.09 12.58 21.58
CA LEU A 94 6.03 11.61 22.67
C LEU A 94 4.98 10.55 22.39
N ASN A 95 3.82 10.94 21.85
CA ASN A 95 2.80 9.96 21.52
C ASN A 95 3.29 9.01 20.42
N LEU A 96 3.97 9.54 19.41
CA LEU A 96 4.53 8.68 18.37
C LEU A 96 5.50 7.66 18.97
N MET A 97 6.36 8.11 19.90
CA MET A 97 7.33 7.20 20.49
C MET A 97 6.65 6.11 21.30
N ALA A 98 5.53 6.43 21.96
CA ALA A 98 4.85 5.45 22.79
C ALA A 98 4.06 4.46 21.95
N LEU A 99 3.34 4.95 20.93
CA LEU A 99 2.53 4.05 20.12
C LEU A 99 3.38 3.12 19.27
N THR A 100 4.54 3.61 18.78
CA THR A 100 5.44 2.71 18.06
C THR A 100 5.99 1.63 18.99
N GLY A 101 6.21 1.97 20.27
CA GLY A 101 6.68 0.99 21.23
C GLY A 101 5.73 -0.17 21.45
N ILE A 102 4.46 -0.02 21.06
CA ILE A 102 3.49 -1.11 21.13
C ILE A 102 3.03 -1.52 19.74
N GLY A 103 3.70 -1.06 18.69
CA GLY A 103 3.34 -1.43 17.34
C GLY A 103 2.14 -0.73 16.76
N ALA A 104 1.67 0.33 17.41
CA ALA A 104 0.52 1.08 16.93
C ALA A 104 0.98 2.26 16.08
N ILE A 105 0.02 2.98 15.51
CA ILE A 105 0.26 4.00 14.50
C ILE A 105 -0.29 5.32 15.00
N ALA A 106 0.56 6.34 15.06
CA ALA A 106 0.16 7.68 15.49
C ALA A 106 -0.29 8.48 14.27
N SER A 107 -1.59 8.69 14.15
CA SER A 107 -2.15 9.57 13.13
C SER A 107 -2.04 11.01 13.64
N LEU A 108 -1.09 11.76 13.11
CA LEU A 108 -0.87 13.14 13.55
C LEU A 108 -1.89 14.05 12.86
N VAL A 109 -2.72 14.72 13.66
CA VAL A 109 -3.74 15.63 13.14
C VAL A 109 -3.52 17.00 13.73
N ASN A 110 -3.46 18.02 12.88
CA ASN A 110 -3.39 19.40 13.33
C ASN A 110 -4.75 19.78 13.92
N ALA A 111 -4.76 20.11 15.22
CA ALA A 111 -6.01 20.43 15.88
C ALA A 111 -6.73 21.61 15.24
N ASN A 112 -6.00 22.48 14.55
CA ASN A 112 -6.60 23.66 13.92
C ASN A 112 -7.27 23.35 12.60
N MET A 113 -7.18 22.13 12.09
CA MET A 113 -7.88 21.74 10.84
C MET A 113 -9.37 22.07 11.01
N PRO A 114 -10.00 22.81 10.09
CA PRO A 114 -11.43 23.16 10.23
C PRO A 114 -12.27 22.00 10.75
N ALA A 115 -13.27 22.33 11.58
CA ALA A 115 -13.90 21.31 12.41
C ALA A 115 -14.56 20.22 11.58
N GLU A 116 -15.43 20.60 10.64
CA GLU A 116 -16.14 19.59 9.87
C GLU A 116 -15.23 18.85 8.90
N THR A 117 -14.08 19.43 8.55
CA THR A 117 -13.11 18.71 7.73
C THR A 117 -12.33 17.70 8.58
N ARG A 118 -11.93 18.10 9.79
CA ARG A 118 -11.25 17.19 10.69
C ARG A 118 -12.13 16.00 11.04
N ARG A 119 -13.44 16.22 11.17
CA ARG A 119 -14.35 15.12 11.47
C ARG A 119 -14.31 14.08 10.36
N GLU A 120 -14.45 14.51 9.11
CA GLU A 120 -14.43 13.58 7.99
C GLU A 120 -13.05 12.94 7.86
N TYR A 121 -11.99 13.74 8.03
CA TYR A 121 -10.63 13.21 7.93
C TYR A 121 -10.42 12.07 8.92
N ILE A 122 -10.82 12.27 10.17
CA ILE A 122 -10.61 11.26 11.20
C ILE A 122 -11.57 10.09 11.02
N ARG A 123 -12.84 10.38 10.72
CA ARG A 123 -13.82 9.33 10.52
C ARG A 123 -13.34 8.29 9.51
N ARG A 124 -12.80 8.76 8.39
CA ARG A 124 -12.36 7.86 7.33
C ARG A 124 -11.27 6.91 7.81
N GLN A 125 -10.44 7.35 8.76
CA GLN A 125 -9.27 6.56 9.14
C GLN A 125 -9.64 5.33 9.97
N ARG A 126 -10.81 5.32 10.60
CA ARG A 126 -11.24 4.21 11.44
C ARG A 126 -10.21 3.93 12.54
N VAL A 127 -9.76 5.00 13.19
CA VAL A 127 -8.85 4.84 14.32
C VAL A 127 -9.57 4.19 15.49
N VAL A 128 -8.78 3.56 16.38
CA VAL A 128 -9.33 2.95 17.57
C VAL A 128 -9.30 3.86 18.78
N GLY A 129 -8.71 5.05 18.66
CA GLY A 129 -8.63 5.95 19.78
C GLY A 129 -8.24 7.34 19.34
N ILE A 130 -8.51 8.30 20.22
CA ILE A 130 -8.15 9.70 20.01
C ILE A 130 -7.52 10.22 21.29
N MET A 131 -6.32 10.79 21.17
CA MET A 131 -5.63 11.44 22.27
C MET A 131 -5.51 12.92 21.94
N THR A 132 -5.87 13.76 22.88
CA THR A 132 -5.93 15.20 22.63
C THR A 132 -5.73 15.95 23.94
N ARG A 133 -6.09 17.23 23.95
CA ARG A 133 -6.02 18.07 25.15
C ARG A 133 -7.30 18.87 25.26
N GLU A 134 -7.42 19.62 26.36
CA GLU A 134 -8.69 20.22 26.71
C GLU A 134 -9.24 21.19 25.67
N PRO A 135 -8.43 22.01 24.99
CA PRO A 135 -9.01 22.98 24.05
C PRO A 135 -9.87 22.34 22.97
N TRP A 136 -9.62 21.07 22.64
CA TRP A 136 -10.31 20.41 21.55
C TRP A 136 -11.10 19.18 21.97
N HIS A 137 -10.93 18.73 23.23
CA HIS A 137 -11.51 17.45 23.65
C HIS A 137 -13.03 17.43 23.50
N ALA A 138 -13.68 18.56 23.76
CA ALA A 138 -15.14 18.57 23.82
C ALA A 138 -15.75 18.31 22.45
N ASP A 139 -15.15 18.84 21.39
CA ASP A 139 -15.68 18.61 20.05
C ASP A 139 -15.28 17.23 19.54
N LEU A 140 -14.08 16.76 19.88
CA LEU A 140 -13.61 15.46 19.40
C LEU A 140 -14.44 14.32 19.98
N LEU A 141 -15.11 14.53 21.11
CA LEU A 141 -15.99 13.49 21.64
C LEU A 141 -17.09 13.13 20.66
N ALA A 142 -17.36 14.01 19.69
CA ALA A 142 -18.39 13.72 18.69
C ALA A 142 -18.11 12.43 17.94
N HIS A 143 -16.84 12.05 17.79
CA HIS A 143 -16.51 10.83 17.05
C HIS A 143 -17.08 9.58 17.69
N LEU A 144 -17.53 9.66 18.94
CA LEU A 144 -18.14 8.51 19.59
C LEU A 144 -19.52 8.17 19.01
N ASP A 145 -20.08 9.05 18.18
CA ASP A 145 -21.32 8.76 17.47
C ASP A 145 -21.09 8.36 16.02
N ASP A 146 -19.85 8.03 15.66
CA ASP A 146 -19.57 7.55 14.31
C ASP A 146 -20.07 6.12 14.15
N ASP A 147 -20.38 5.76 12.90
CA ASP A 147 -20.80 4.38 12.63
C ASP A 147 -19.77 3.39 13.15
N GLU A 148 -18.48 3.68 12.95
CA GLU A 148 -17.38 2.92 13.54
C GLU A 148 -16.68 3.83 14.54
N PRO A 149 -17.14 3.91 15.78
CA PRO A 149 -16.59 4.87 16.72
C PRO A 149 -15.27 4.40 17.30
N PRO A 150 -14.41 5.31 17.74
CA PRO A 150 -13.20 4.90 18.46
C PRO A 150 -13.56 4.34 19.83
N LEU A 151 -12.59 3.70 20.45
CA LEU A 151 -12.82 3.18 21.81
C LEU A 151 -12.82 4.31 22.83
N PHE A 152 -11.99 5.34 22.62
CA PHE A 152 -11.87 6.40 23.61
C PHE A 152 -11.51 7.72 22.93
N VAL A 153 -11.88 8.81 23.58
CA VAL A 153 -11.46 10.16 23.21
C VAL A 153 -10.92 10.78 24.49
N ALA A 154 -9.62 10.63 24.73
CA ALA A 154 -9.03 10.89 26.03
C ALA A 154 -8.17 12.14 26.03
N LEU A 155 -7.80 12.55 27.24
CA LEU A 155 -6.91 13.68 27.47
C LEU A 155 -5.55 13.17 27.92
N GLN A 156 -4.50 13.91 27.56
CA GLN A 156 -3.16 13.55 28.00
C GLN A 156 -3.04 13.63 29.52
N SER A 157 -3.90 14.40 30.18
CA SER A 157 -3.90 14.44 31.63
C SER A 157 -4.27 13.10 32.24
N GLU A 158 -4.95 12.22 31.49
CA GLU A 158 -5.34 10.91 31.98
C GLU A 158 -4.15 9.96 32.13
N VAL A 159 -2.98 10.31 31.57
CA VAL A 159 -1.79 9.48 31.72
C VAL A 159 -1.21 9.78 33.10
N GLU A 160 -1.37 8.84 34.04
CA GLU A 160 -0.92 9.03 35.40
C GLU A 160 0.42 8.32 35.64
N PRO A 161 1.25 8.84 36.55
CA PRO A 161 2.48 8.12 36.91
C PRO A 161 2.17 6.69 37.34
N GLY A 162 2.99 5.75 36.86
CA GLY A 162 2.80 4.34 37.14
C GLY A 162 2.10 3.57 36.04
N ASN A 163 1.46 4.26 35.09
CA ASN A 163 0.73 3.57 34.03
C ASN A 163 1.64 2.71 33.18
N ARG A 164 2.96 2.94 33.22
CA ARG A 164 3.88 2.09 32.48
C ARG A 164 3.78 0.63 32.90
N GLU A 165 3.16 0.35 34.05
CA GLU A 165 2.99 -1.02 34.51
C GLU A 165 2.02 -1.82 33.65
N HIS A 166 1.28 -1.17 32.75
CA HIS A 166 0.34 -1.85 31.87
C HIS A 166 0.92 -2.11 30.49
N ARG A 167 2.15 -1.66 30.21
CA ARG A 167 2.72 -1.86 28.89
C ARG A 167 2.98 -3.34 28.65
N PRO A 168 2.92 -3.79 27.40
CA PRO A 168 3.05 -5.22 27.13
C PRO A 168 4.35 -5.78 27.67
N ALA A 169 4.35 -7.09 27.91
CA ALA A 169 5.54 -7.76 28.42
C ALA A 169 6.68 -7.72 27.40
N ALA A 170 6.34 -7.76 26.11
CA ALA A 170 7.33 -7.74 25.04
C ALA A 170 7.77 -6.33 24.67
N TYR A 171 7.55 -5.36 25.54
CA TYR A 171 7.93 -3.98 25.25
C TYR A 171 9.46 -3.87 25.26
N PRO A 172 10.06 -3.21 24.26
CA PRO A 172 9.47 -2.54 23.11
C PRO A 172 9.18 -3.42 21.90
N PHE A 173 8.18 -3.03 21.11
CA PHE A 173 7.85 -3.72 19.87
C PHE A 173 9.07 -3.83 18.98
N ARG A 174 9.16 -4.94 18.24
CA ARG A 174 10.19 -5.14 17.24
C ARG A 174 9.54 -4.97 15.87
N HIS A 175 9.90 -3.88 15.18
CA HIS A 175 9.23 -3.53 13.94
C HIS A 175 9.81 -4.29 12.76
N ALA A 176 8.95 -4.66 11.85
CA ALA A 176 9.37 -5.04 10.51
C ALA A 176 9.51 -3.78 9.66
N PRO A 177 10.38 -3.79 8.65
CA PRO A 177 10.62 -2.56 7.87
C PRO A 177 9.35 -1.92 7.34
N GLY A 178 8.37 -2.71 6.91
CA GLY A 178 7.13 -2.20 6.37
C GLY A 178 6.04 -1.94 7.38
N ASP A 179 6.31 -2.12 8.66
CA ASP A 179 5.30 -1.87 9.68
C ASP A 179 5.02 -0.37 9.77
N PRO A 180 3.76 0.06 9.70
CA PRO A 180 3.47 1.49 9.78
C PRO A 180 3.74 2.04 11.18
N ILE A 181 4.05 3.33 11.24
CA ILE A 181 4.39 3.98 12.49
C ILE A 181 3.66 5.31 12.67
N LEU A 182 3.27 5.94 11.56
CA LEU A 182 2.52 7.18 11.66
C LEU A 182 1.75 7.45 10.37
N ILE A 183 0.71 8.25 10.52
CA ILE A 183 -0.06 8.81 9.41
C ILE A 183 -0.03 10.33 9.54
N SER A 184 -0.02 11.02 8.41
CA SER A 184 0.05 12.47 8.39
C SER A 184 -0.87 13.01 7.31
N HIS A 185 -1.25 14.27 7.45
CA HIS A 185 -2.22 14.90 6.56
C HIS A 185 -1.54 15.93 5.67
N SER A 186 -1.96 15.96 4.41
CA SER A 186 -1.45 16.93 3.45
C SER A 186 -1.92 18.34 3.83
N SER A 187 -1.44 19.32 3.06
CA SER A 187 -1.77 20.72 3.32
C SER A 187 -3.03 21.15 2.59
N THR A 190 -8.91 22.73 -0.02
CA THR A 190 -8.42 21.75 -0.99
C THR A 190 -9.16 20.43 -0.87
N GLY A 191 -10.29 20.43 -0.17
CA GLY A 191 -11.01 19.21 0.11
C GLY A 191 -10.45 18.49 1.32
N ILE A 192 -10.90 17.26 1.49
CA ILE A 192 -10.42 16.43 2.61
C ILE A 192 -8.95 16.14 2.37
N PRO A 193 -8.06 16.47 3.30
CA PRO A 193 -6.63 16.20 3.08
C PRO A 193 -6.37 14.72 2.86
N LYS A 194 -5.31 14.42 2.12
CA LYS A 194 -4.86 13.05 1.96
C LYS A 194 -4.21 12.56 3.24
N SER A 195 -4.27 11.25 3.45
CA SER A 195 -3.76 10.61 4.67
C SER A 195 -2.64 9.65 4.28
N ALA A 196 -1.45 10.19 4.08
CA ALA A 196 -0.29 9.37 3.78
C ALA A 196 0.28 8.75 5.06
N PHE A 197 0.69 7.50 4.98
CA PHE A 197 1.31 6.83 6.10
C PHE A 197 2.77 6.50 5.78
N HIS A 198 3.56 6.35 6.84
CA HIS A 198 4.98 6.06 6.74
C HIS A 198 5.30 4.86 7.61
N THR A 199 6.43 4.23 7.33
CA THR A 199 6.82 2.99 7.99
C THR A 199 8.11 3.18 8.78
N HIS A 200 8.43 2.13 9.55
CA HIS A 200 9.71 2.03 10.24
C HIS A 200 10.88 2.30 9.32
N GLU A 201 10.72 2.02 8.02
CA GLU A 201 11.78 2.18 7.04
C GLU A 201 11.70 3.49 6.27
N THR A 202 10.52 3.87 5.77
CA THR A 202 10.44 5.01 4.87
C THR A 202 10.83 6.31 5.56
N LEU A 203 10.35 6.55 6.77
CA LEU A 203 10.57 7.84 7.49
C LEU A 203 12.03 8.04 7.88
N PHE A 204 12.84 6.99 7.91
CA PHE A 204 14.27 7.08 8.29
C PHE A 204 15.16 6.66 7.12
N HIS A 205 14.60 6.42 5.94
CA HIS A 205 15.39 5.95 4.82
C HIS A 205 16.35 7.03 4.32
N GLY A 206 15.83 8.22 4.03
CA GLY A 206 16.69 9.30 3.59
C GLY A 206 17.74 9.65 4.62
N ALA A 207 17.34 9.75 5.89
CA ALA A 207 18.30 10.03 6.94
C ALA A 207 19.44 9.02 6.93
N LEU A 208 19.11 7.73 6.84
CA LEU A 208 20.13 6.70 6.88
C LEU A 208 20.98 6.71 5.62
N SER A 209 20.37 7.00 4.47
CA SER A 209 21.14 7.10 3.24
C SER A 209 22.13 8.26 3.31
N ARG A 210 21.69 9.41 3.82
CA ARG A 210 22.58 10.56 3.92
C ARG A 210 23.71 10.28 4.91
N LEU A 211 23.38 9.70 6.06
CA LEU A 211 24.42 9.36 7.03
C LEU A 211 25.48 8.47 6.41
N ALA A 212 25.06 7.44 5.67
CA ALA A 212 26.01 6.55 5.03
C ALA A 212 26.96 7.31 4.13
N ASP A 213 26.49 8.37 3.50
CA ASP A 213 27.33 9.21 2.65
C ASP A 213 28.10 10.28 3.42
N GLY A 214 28.08 10.21 4.75
CA GLY A 214 28.74 11.22 5.56
C GLY A 214 28.07 12.57 5.52
N LEU A 215 26.74 12.60 5.46
CA LEU A 215 25.98 13.84 5.37
C LEU A 215 24.88 13.87 6.42
N ASP A 216 24.48 15.08 6.79
CA ASP A 216 23.41 15.32 7.76
C ASP A 216 23.55 14.39 8.96
N CYS A 217 24.72 14.45 9.60
CA CYS A 217 25.02 13.59 10.73
C CYS A 217 25.99 14.31 11.66
N SER A 218 25.59 15.49 12.13
CA SER A 218 26.36 16.25 13.10
C SER A 218 25.75 16.08 14.50
N THR A 219 26.56 16.40 15.51
CA THR A 219 26.10 16.48 16.88
C THR A 219 25.63 17.87 17.25
N ARG A 220 25.26 18.68 16.26
CA ARG A 220 24.98 20.10 16.49
C ARG A 220 23.62 20.30 17.11
N LYS A 221 23.57 21.17 18.12
CA LYS A 221 22.30 21.51 18.76
C LYS A 221 21.36 22.13 17.74
N ARG A 222 20.12 21.67 17.74
CA ARG A 222 19.12 22.11 16.77
C ARG A 222 17.85 22.55 17.49
N LEU A 223 17.25 23.62 16.98
CA LEU A 223 16.00 24.15 17.51
C LEU A 223 14.90 23.88 16.49
N LEU A 224 13.93 23.05 16.87
CA LEU A 224 12.86 22.64 15.98
C LEU A 224 11.63 23.51 16.25
N ALA A 225 11.35 24.42 15.33
CA ALA A 225 10.17 25.26 15.35
C ALA A 225 9.21 24.91 14.23
N LEU A 226 9.23 23.65 13.79
CA LEU A 226 8.38 23.20 12.70
C LEU A 226 7.00 22.84 13.21
N PRO A 227 6.01 22.80 12.33
CA PRO A 227 4.69 22.30 12.74
C PRO A 227 4.81 20.89 13.31
N GLY A 228 4.27 20.69 14.51
CA GLY A 228 4.40 19.42 15.18
C GLY A 228 3.82 18.26 14.42
N HIS A 229 2.86 18.51 13.54
CA HIS A 229 2.19 17.44 12.81
C HIS A 229 2.86 17.08 11.50
N HIS A 230 3.75 17.92 11.00
CA HIS A 230 4.46 17.63 9.75
C HIS A 230 5.51 16.56 9.98
N VAL A 231 5.63 15.63 9.03
CA VAL A 231 6.63 14.57 9.12
C VAL A 231 8.00 15.16 9.43
N SER A 232 8.30 16.32 8.86
CA SER A 232 9.61 16.94 9.07
C SER A 232 9.90 17.16 10.55
N ALA A 233 8.87 17.53 11.32
CA ALA A 233 9.07 17.75 12.75
C ALA A 233 9.44 16.46 13.46
N MET A 234 8.86 15.34 13.04
CA MET A 234 9.12 14.07 13.71
C MET A 234 10.47 13.48 13.29
N SER A 235 10.73 13.44 11.98
CA SER A 235 11.98 12.84 11.51
C SER A 235 13.19 13.55 12.09
N ASN A 236 13.15 14.88 12.18
CA ASN A 236 14.29 15.61 12.72
C ASN A 236 14.43 15.42 14.21
N THR A 237 13.31 15.26 14.93
CA THR A 237 13.39 14.92 16.35
C THR A 237 14.11 13.58 16.54
N LEU A 238 13.62 12.54 15.86
CA LEU A 238 14.24 11.23 15.98
C LEU A 238 15.67 11.24 15.47
N LEU A 239 15.93 11.94 14.36
CA LEU A 239 17.29 11.99 13.82
C LEU A 239 18.25 12.62 14.82
N GLY A 240 17.85 13.75 15.42
CA GLY A 240 18.69 14.38 16.41
C GLY A 240 19.02 13.45 17.56
N LEU A 241 18.01 12.76 18.08
CA LEU A 241 18.26 11.81 19.17
C LEU A 241 19.26 10.74 18.76
N THR A 242 19.13 10.22 17.54
CA THR A 242 20.04 9.17 17.10
C THR A 242 21.48 9.69 17.03
N LEU A 243 21.67 10.84 16.38
CA LEU A 243 23.01 11.38 16.20
C LEU A 243 23.70 11.72 17.51
N GLY A 244 22.93 11.89 18.59
CA GLY A 244 23.48 12.45 19.81
C GLY A 244 23.46 13.96 19.82
N ALA A 245 22.61 14.58 19.02
CA ALA A 245 22.55 16.03 18.92
C ALA A 245 21.51 16.59 19.86
N PRO A 246 21.84 17.58 20.70
CA PRO A 246 20.81 18.25 21.50
C PRO A 246 19.64 18.74 20.67
N VAL A 247 18.43 18.27 21.00
CA VAL A 247 17.21 18.68 20.32
C VAL A 247 16.42 19.60 21.24
N VAL A 248 15.88 20.67 20.67
CA VAL A 248 15.18 21.70 21.42
C VAL A 248 13.82 21.91 20.76
N HIS A 249 12.75 21.57 21.47
CA HIS A 249 11.40 21.71 20.96
C HIS A 249 10.85 23.09 21.33
N TYR A 250 10.29 23.79 20.35
CA TYR A 250 9.66 25.08 20.57
C TYR A 250 8.27 25.04 19.94
N THR A 251 7.24 25.15 20.77
CA THR A 251 5.83 25.06 20.32
C THR A 251 5.42 26.37 19.65
N ASP A 252 6.04 27.50 19.99
CA ASP A 252 5.63 28.79 19.48
C ASP A 252 6.38 29.10 18.18
N PRO A 253 5.69 29.24 17.05
CA PRO A 253 6.38 29.52 15.79
C PRO A 253 6.57 31.00 15.48
N SER A 254 6.15 31.89 16.36
CA SER A 254 6.32 33.32 16.14
C SER A 254 7.80 33.68 16.04
N GLY A 255 8.13 34.56 15.12
CA GLY A 255 9.50 34.98 14.93
C GLY A 255 10.16 35.45 16.22
N LYS A 256 9.35 35.96 17.14
CA LYS A 256 9.85 36.54 18.40
C LYS A 256 10.24 35.43 19.38
N ALA A 257 9.43 34.39 19.52
CA ALA A 257 9.79 33.25 20.37
C ALA A 257 11.06 32.58 19.86
N VAL A 258 11.19 32.46 18.54
CA VAL A 258 12.37 31.80 17.97
C VAL A 258 13.62 32.64 18.26
N LEU A 259 13.54 33.95 18.03
CA LEU A 259 14.68 34.82 18.31
C LEU A 259 15.07 34.75 19.78
N ASP A 260 14.07 34.71 20.66
CA ASP A 260 14.36 34.55 22.09
C ASP A 260 14.96 33.18 22.37
N GLY A 261 14.40 32.13 21.75
CA GLY A 261 14.95 30.80 21.94
C GLY A 261 16.35 30.65 21.37
N ILE A 262 16.61 31.30 20.24
CA ILE A 262 17.96 31.27 19.68
C ILE A 262 18.96 31.88 20.66
N GLU A 263 18.63 33.04 21.23
CA GLU A 263 19.49 33.64 22.24
C GLU A 263 19.56 32.77 23.48
N LYS A 264 18.46 32.09 23.83
CA LYS A 264 18.41 31.29 25.04
C LYS A 264 19.28 30.04 24.91
N HIS A 265 19.05 29.23 23.88
CA HIS A 265 19.73 27.96 23.75
C HIS A 265 20.97 28.02 22.87
N ARG A 266 21.12 29.07 22.07
CA ARG A 266 22.23 29.20 21.12
C ARG A 266 22.33 27.94 20.24
N PRO A 267 21.29 27.66 19.44
CA PRO A 267 21.37 26.51 18.53
C PRO A 267 22.30 26.78 17.37
N THR A 268 23.06 25.76 16.99
CA THR A 268 23.93 25.87 15.82
C THR A 268 23.15 25.77 14.51
N ILE A 269 21.99 25.12 14.53
CA ILE A 269 21.12 25.05 13.36
C ILE A 269 19.68 25.21 13.85
N VAL A 270 18.81 25.72 12.96
CA VAL A 270 17.44 26.05 13.32
C VAL A 270 16.51 25.55 12.21
N PHE A 271 15.41 24.91 12.59
CA PHE A 271 14.43 24.40 11.66
C PHE A 271 13.13 25.17 11.83
N GLY A 272 12.55 25.59 10.72
CA GLY A 272 11.25 26.25 10.73
C GLY A 272 10.68 26.22 9.33
N PHE A 273 9.45 26.73 9.21
CA PHE A 273 8.84 26.91 7.90
C PHE A 273 9.12 28.33 7.42
N THR A 274 9.11 28.49 6.08
CA THR A 274 9.49 29.76 5.48
C THR A 274 8.91 30.96 6.23
N HIS A 275 7.60 30.95 6.47
CA HIS A 275 6.96 32.08 7.11
C HIS A 275 7.60 32.44 8.44
N THR A 276 8.03 31.44 9.21
CA THR A 276 8.60 31.71 10.52
C THR A 276 9.78 32.66 10.41
N PHE A 277 10.77 32.30 9.58
CA PHE A 277 11.97 33.13 9.44
C PHE A 277 11.63 34.52 8.91
N THR A 278 10.61 34.62 8.06
CA THR A 278 10.19 35.93 7.57
C THR A 278 9.83 36.85 8.73
N GLU A 279 8.91 36.40 9.59
CA GLU A 279 8.54 37.20 10.76
C GLU A 279 9.76 37.60 11.56
N MET A 280 10.80 36.75 11.57
CA MET A 280 12.04 37.10 12.25
C MET A 280 12.77 38.23 11.53
N ALA A 281 12.65 38.28 10.19
CA ALA A 281 13.36 39.29 9.42
C ALA A 281 12.82 40.69 9.71
N ALA A 282 11.51 40.82 9.87
CA ALA A 282 10.88 42.11 10.12
C ALA A 282 11.05 42.58 11.56
N GLU A 283 11.78 41.85 12.40
CA GLU A 283 12.02 42.25 13.76
C GLU A 283 13.23 43.19 13.82
N ASP A 284 13.57 43.63 15.04
CA ASP A 284 14.70 44.53 15.20
C ASP A 284 15.99 43.89 14.69
N LEU A 285 16.37 42.75 15.26
CA LEU A 285 17.62 42.07 14.92
C LEU A 285 18.84 42.94 15.19
N THR A 286 18.64 44.06 15.88
CA THR A 286 19.71 45.03 16.10
C THR A 286 20.64 44.55 17.21
N ASP A 287 20.10 44.37 18.41
CA ASP A 287 20.84 43.85 19.55
C ASP A 287 20.59 42.36 19.75
N ARG A 288 20.20 41.65 18.70
CA ARG A 288 19.96 40.21 18.76
C ARG A 288 21.27 39.49 18.48
N ASP A 289 21.69 38.64 19.40
CA ASP A 289 22.90 37.83 19.25
C ASP A 289 22.51 36.50 18.62
N LEU A 290 22.76 36.35 17.33
CA LEU A 290 22.43 35.14 16.59
C LEU A 290 23.66 34.55 15.93
N THR A 291 24.82 34.65 16.59
CA THR A 291 26.08 34.20 16.03
C THR A 291 26.34 32.72 16.23
N SER A 292 25.47 32.00 16.96
CA SER A 292 25.63 30.57 17.09
C SER A 292 25.09 29.83 15.87
N VAL A 293 24.03 30.35 15.24
CA VAL A 293 23.43 29.65 14.12
C VAL A 293 24.37 29.65 12.93
N GLU A 294 24.64 28.46 12.40
CA GLU A 294 25.37 28.31 11.15
C GLU A 294 24.44 28.13 9.95
N ALA A 295 23.23 27.62 10.15
CA ALA A 295 22.36 27.30 9.04
C ALA A 295 20.90 27.25 9.48
N TYR A 296 20.04 27.86 8.67
CA TYR A 296 18.59 27.78 8.85
C TYR A 296 18.02 26.84 7.79
N TYR A 297 17.22 25.87 8.23
CA TYR A 297 16.54 24.95 7.34
C TYR A 297 15.06 25.32 7.28
N ALA A 298 14.60 25.70 6.09
CA ALA A 298 13.25 26.22 5.92
C ALA A 298 12.44 25.31 5.00
N SER A 299 11.16 25.15 5.33
CA SER A 299 10.25 24.38 4.49
C SER A 299 8.91 25.09 4.35
N HIS A 304 9.21 30.72 -0.92
CA HIS A 304 8.54 32.03 -0.78
C HIS A 304 9.25 32.87 0.30
N ALA A 305 10.35 33.55 -0.04
CA ALA A 305 11.15 34.31 0.94
C ALA A 305 11.75 35.59 0.33
N VAL A 306 12.11 36.57 1.17
CA VAL A 306 12.73 37.86 0.75
C VAL A 306 13.31 38.50 2.01
N HIS A 307 14.39 39.28 1.91
CA HIS A 307 15.03 39.96 3.07
C HIS A 307 15.52 38.92 4.09
N ILE A 308 16.00 37.77 3.63
CA ILE A 308 16.54 36.76 4.55
C ILE A 308 17.94 37.15 5.00
N ARG A 309 18.72 37.78 4.12
CA ARG A 309 20.08 38.19 4.49
C ARG A 309 20.07 39.08 5.73
N ARG A 310 18.92 39.62 6.11
CA ARG A 310 18.81 40.37 7.35
C ARG A 310 19.28 39.54 8.53
N LEU A 311 18.85 38.29 8.59
CA LEU A 311 19.23 37.39 9.67
C LEU A 311 20.56 36.68 9.42
N LEU A 312 20.86 36.38 8.16
CA LEU A 312 22.06 35.60 7.85
C LEU A 312 23.32 36.40 8.13
N ASP A 313 23.35 37.69 7.76
CA ASP A 313 24.52 38.52 8.03
C ASP A 313 24.84 38.58 9.51
N LYS A 314 23.87 38.29 10.38
CA LYS A 314 24.09 38.26 11.81
C LYS A 314 24.89 37.05 12.26
N GLY A 315 25.22 36.13 11.36
CA GLY A 315 25.90 34.90 11.72
C GLY A 315 27.19 34.64 10.98
N TYR A 316 27.66 33.40 11.01
CA TYR A 316 28.93 33.03 10.42
C TYR A 316 28.88 31.57 9.99
N HIS A 317 29.53 31.26 8.87
CA HIS A 317 29.65 29.88 8.38
C HIS A 317 31.12 29.49 8.32
N THR A 318 31.39 28.22 8.60
CA THR A 318 32.75 27.69 8.53
C THR A 318 33.04 27.19 7.12
N ALA A 319 34.25 27.49 6.64
CA ALA A 319 34.67 27.09 5.31
C ALA A 319 36.13 26.69 5.34
N THR A 320 36.58 26.06 4.25
CA THR A 320 37.96 25.64 4.09
C THR A 320 38.73 26.73 3.35
N GLY A 321 39.86 27.16 3.93
CA GLY A 321 40.61 28.28 3.41
C GLY A 321 41.74 27.88 2.48
N PRO A 322 42.33 28.87 1.79
CA PRO A 322 43.40 28.57 0.82
C PRO A 322 44.52 27.72 1.38
N ASP A 323 44.73 27.72 2.69
CA ASP A 323 45.71 26.86 3.33
C ASP A 323 45.15 25.50 3.68
N LEU A 324 43.95 25.17 3.20
CA LEU A 324 43.29 23.90 3.53
C LEU A 324 43.10 23.75 5.04
N LYS A 325 42.76 24.86 5.69
CA LYS A 325 42.46 24.87 7.11
C LYS A 325 41.15 25.61 7.35
N PRO A 326 40.40 25.23 8.37
CA PRO A 326 39.09 25.86 8.59
C PRO A 326 39.22 27.35 8.88
N LYS A 327 38.28 28.12 8.35
CA LYS A 327 38.22 29.56 8.58
C LYS A 327 36.76 29.97 8.74
N LYS A 328 36.50 30.88 9.69
CA LYS A 328 35.15 31.37 9.91
C LYS A 328 34.85 32.51 8.94
N VAL A 329 33.69 32.43 8.30
CA VAL A 329 33.32 33.39 7.26
C VAL A 329 32.04 34.11 7.65
N PRO A 330 31.83 35.36 7.23
CA PRO A 330 30.58 36.05 7.58
C PRO A 330 29.39 35.46 6.84
N GLY A 331 28.28 35.34 7.57
CA GLY A 331 27.03 34.90 6.99
C GLY A 331 26.69 33.46 7.27
N ALA A 332 25.53 33.21 7.88
CA ALA A 332 25.04 31.86 8.06
C ALA A 332 24.38 31.37 6.77
N ILE A 333 24.02 30.11 6.76
CA ILE A 333 23.51 29.45 5.55
C ILE A 333 21.99 29.34 5.65
N PHE A 334 21.34 29.31 4.49
CA PHE A 334 19.89 29.14 4.40
C PHE A 334 19.61 28.08 3.34
N ILE A 335 18.92 27.01 3.73
CA ILE A 335 18.69 25.85 2.89
C ILE A 335 17.17 25.67 2.79
N ASP A 336 16.62 25.93 1.61
CA ASP A 336 15.21 25.67 1.37
C ASP A 336 15.02 24.18 1.16
N MET A 337 14.15 23.57 1.98
CA MET A 337 13.92 22.11 1.96
C MET A 337 12.62 21.79 1.22
N PHE A 338 12.74 21.19 0.03
CA PHE A 338 11.59 20.80 -0.78
C PHE A 338 11.03 19.49 -0.27
N GLY A 339 9.78 19.50 0.16
CA GLY A 339 9.16 18.28 0.67
C GLY A 339 7.74 18.56 1.12
N SER A 340 7.09 17.48 1.55
CA SER A 340 5.73 17.52 2.07
C SER A 340 5.57 16.32 2.99
N THR A 341 4.33 16.03 3.39
CA THR A 341 4.10 14.85 4.22
C THR A 341 4.26 13.58 3.39
N GLU A 342 3.84 13.62 2.12
CA GLU A 342 3.92 12.42 1.28
C GLU A 342 5.35 12.13 0.85
N MET A 343 6.09 13.14 0.41
CA MET A 343 7.44 12.94 -0.18
C MET A 343 8.47 12.61 0.89
N GLY A 344 8.14 12.80 2.16
CA GLY A 344 9.13 12.63 3.22
C GLY A 344 9.83 13.95 3.43
N TYR A 345 10.77 14.04 4.37
CA TYR A 345 11.44 15.31 4.73
C TYR A 345 12.04 16.00 3.50
N VAL A 346 13.00 15.43 2.78
CA VAL A 346 13.71 16.15 1.69
C VAL A 346 14.22 15.20 0.60
N LEU A 347 14.00 15.53 -0.67
CA LEU A 347 14.41 14.70 -1.82
C LEU A 347 15.27 15.60 -2.71
N PHE A 348 15.66 16.78 -2.22
CA PHE A 348 16.43 17.74 -3.05
C PHE A 348 17.40 18.56 -2.20
N ASP A 349 18.63 18.77 -2.67
CA ASP A 349 19.67 19.52 -1.99
C ASP A 349 19.91 20.83 -2.74
N PHE A 350 19.71 21.96 -2.05
CA PHE A 350 19.95 23.26 -2.65
C PHE A 350 20.41 24.24 -1.59
N VAL A 351 21.47 24.99 -1.89
CA VAL A 351 21.97 26.02 -0.99
C VAL A 351 22.23 27.31 -1.78
N VAL A 358 18.09 34.14 -11.27
CA VAL A 358 17.59 32.77 -11.37
C VAL A 358 16.14 32.79 -11.85
N ILE A 359 15.84 31.97 -12.86
CA ILE A 359 14.51 31.87 -13.43
C ILE A 359 13.77 30.78 -12.66
N GLY A 360 12.84 31.18 -11.80
CA GLY A 360 12.13 30.26 -10.93
C GLY A 360 12.88 30.01 -9.64
N ARG A 361 12.16 29.44 -8.67
CA ARG A 361 12.76 29.05 -7.40
C ARG A 361 13.50 27.72 -7.60
N CYS A 362 14.82 27.75 -7.52
CA CYS A 362 15.60 26.53 -7.69
C CYS A 362 15.39 25.61 -6.50
N ILE A 363 14.84 24.43 -6.75
CA ILE A 363 14.68 23.44 -5.69
C ILE A 363 15.95 22.62 -5.49
N GLY A 364 16.82 22.56 -6.48
CA GLY A 364 18.09 21.89 -6.36
C GLY A 364 18.19 20.66 -7.25
N ARG A 365 19.11 19.77 -6.86
CA ARG A 365 19.29 18.51 -7.57
C ARG A 365 18.81 17.35 -6.72
N PRO A 366 18.28 16.30 -7.34
CA PRO A 366 17.78 15.17 -6.56
C PRO A 366 18.87 14.56 -5.69
N MET A 367 18.52 14.21 -4.47
CA MET A 367 19.44 13.54 -3.58
C MET A 367 19.71 12.11 -4.08
N ARG A 368 20.78 11.51 -3.57
CA ARG A 368 21.21 10.21 -4.10
C ARG A 368 20.10 9.16 -4.00
N PHE A 369 19.28 9.22 -2.95
CA PHE A 369 18.28 8.20 -2.71
C PHE A 369 16.96 8.46 -3.43
N ALA A 370 16.94 9.38 -4.40
CA ALA A 370 15.70 9.74 -5.07
C ALA A 370 15.97 10.02 -6.54
N GLN A 371 14.94 9.79 -7.35
CA GLN A 371 14.92 10.20 -8.75
C GLN A 371 13.85 11.27 -8.94
N ALA A 372 14.12 12.21 -9.85
CA ALA A 372 13.18 13.27 -10.18
C ALA A 372 13.06 13.38 -11.69
N ALA A 373 11.93 13.93 -12.12
CA ALA A 373 11.70 14.15 -13.55
C ALA A 373 10.60 15.18 -13.72
N VAL A 374 10.64 15.86 -14.86
CA VAL A 374 9.52 16.67 -15.34
C VAL A 374 8.79 15.83 -16.38
N VAL A 375 7.48 15.71 -16.23
CA VAL A 375 6.70 14.70 -16.94
C VAL A 375 5.58 15.37 -17.71
N GLY A 376 5.33 14.88 -18.93
CA GLY A 376 4.21 15.32 -19.70
C GLY A 376 2.91 14.71 -19.20
N GLU A 377 1.82 15.03 -19.91
CA GLU A 377 0.53 14.51 -19.50
C GLU A 377 0.38 13.01 -19.75
N ASP A 378 1.23 12.44 -20.61
CA ASP A 378 1.20 11.02 -20.88
C ASP A 378 2.05 10.21 -19.90
N GLY A 379 2.96 10.86 -19.19
CA GLY A 379 3.94 10.19 -18.37
C GLY A 379 5.34 10.24 -18.93
N SER A 380 5.51 10.72 -20.15
CA SER A 380 6.83 10.77 -20.77
C SER A 380 7.74 11.73 -20.02
N VAL A 381 8.99 11.30 -19.81
CA VAL A 381 10.00 12.20 -19.27
C VAL A 381 10.30 13.29 -20.29
N LEU A 382 10.25 14.53 -19.85
CA LEU A 382 10.39 15.63 -20.78
C LEU A 382 11.86 16.07 -20.87
N PRO A 383 12.25 16.67 -21.99
CA PRO A 383 13.63 17.16 -22.11
C PRO A 383 13.84 18.37 -21.22
N PRO A 384 15.10 18.77 -21.00
CA PRO A 384 15.35 19.97 -20.20
C PRO A 384 14.72 21.21 -20.82
N GLY A 385 14.45 22.19 -19.97
CA GLY A 385 13.90 23.45 -20.42
C GLY A 385 12.46 23.41 -20.87
N GLN A 386 11.78 22.28 -20.70
CA GLN A 386 10.35 22.16 -20.99
C GLN A 386 9.59 22.04 -19.68
N VAL A 387 8.43 22.68 -19.62
CA VAL A 387 7.66 22.78 -18.38
C VAL A 387 6.68 21.62 -18.32
N GLY A 388 6.64 20.95 -17.19
CA GLY A 388 5.72 19.86 -16.97
C GLY A 388 5.53 19.61 -15.49
N ARG A 389 4.99 18.44 -15.18
CA ARG A 389 4.71 18.06 -13.81
C ARG A 389 5.96 17.48 -13.15
N LEU A 390 6.28 17.96 -11.95
CA LEU A 390 7.39 17.39 -11.19
C LEU A 390 6.99 16.02 -10.67
N GLY A 391 7.86 15.04 -10.87
CA GLY A 391 7.62 13.69 -10.39
C GLY A 391 8.85 13.16 -9.69
N VAL A 392 8.62 12.28 -8.72
CA VAL A 392 9.69 11.78 -7.86
C VAL A 392 9.50 10.29 -7.60
N ARG A 393 10.62 9.64 -7.27
CA ARG A 393 10.66 8.23 -6.93
C ARG A 393 11.66 8.05 -5.79
N SER A 394 11.26 7.36 -4.73
CA SER A 394 12.16 7.15 -3.61
C SER A 394 11.53 6.19 -2.62
N LYS A 395 12.39 5.47 -1.89
CA LYS A 395 11.92 4.61 -0.81
C LYS A 395 11.48 5.39 0.41
N SER A 396 11.88 6.66 0.52
CA SER A 396 11.38 7.53 1.58
C SER A 396 9.97 8.04 1.31
N LEU A 397 9.41 7.75 0.13
CA LEU A 397 8.03 8.15 -0.15
C LEU A 397 7.06 7.30 0.66
N THR A 398 5.90 7.89 0.94
CA THR A 398 4.84 7.16 1.63
C THR A 398 4.45 5.93 0.81
N PRO A 399 4.28 4.77 1.44
CA PRO A 399 3.78 3.60 0.69
C PRO A 399 2.33 3.72 0.25
N GLY A 400 1.58 4.70 0.71
CA GLY A 400 0.22 4.90 0.23
C GLY A 400 -0.60 5.80 1.12
N PHE A 401 -1.84 6.00 0.68
CA PHE A 401 -2.82 6.80 1.42
C PHE A 401 -3.72 5.86 2.23
N TRP A 402 -3.78 6.09 3.53
CA TRP A 402 -4.62 5.30 4.42
C TRP A 402 -6.05 5.19 3.90
N ASN A 403 -6.51 3.96 3.69
CA ASN A 403 -7.88 3.65 3.28
C ASN A 403 -8.31 4.42 2.03
N ASP A 404 -7.35 4.91 1.23
CA ASP A 404 -7.67 5.73 0.06
C ASP A 404 -6.81 5.30 -1.12
N ASN A 405 -7.09 4.10 -1.65
CA ASN A 405 -6.37 3.63 -2.83
C ASN A 405 -6.79 4.40 -4.08
N VAL A 406 -8.01 4.94 -4.10
CA VAL A 406 -8.50 5.61 -5.30
C VAL A 406 -7.64 6.83 -5.62
N ARG A 407 -7.42 7.70 -4.62
CA ARG A 407 -6.65 8.90 -4.85
C ARG A 407 -5.14 8.63 -4.93
N TRP A 408 -4.69 7.47 -4.43
CA TRP A 408 -3.26 7.20 -4.37
C TRP A 408 -2.69 6.93 -5.76
N HIS A 409 -3.22 5.90 -6.43
CA HIS A 409 -2.69 5.54 -7.75
C HIS A 409 -2.89 6.67 -8.75
N LYS A 410 -3.93 7.47 -8.59
CA LYS A 410 -4.15 8.61 -9.47
C LYS A 410 -3.12 9.72 -9.25
N GLN A 411 -2.36 9.67 -8.15
CA GLN A 411 -1.27 10.60 -7.91
C GLN A 411 0.02 10.18 -8.62
N TRP A 412 0.03 9.04 -9.30
CA TRP A 412 1.19 8.56 -10.03
C TRP A 412 0.94 8.66 -11.53
N LEU A 413 1.98 9.08 -12.26
CA LEU A 413 1.89 9.23 -13.71
C LEU A 413 3.23 8.85 -14.31
N GLY A 414 3.23 7.89 -15.23
CA GLY A 414 4.48 7.45 -15.83
C GLY A 414 5.44 6.75 -14.89
N GLY A 415 4.93 6.20 -13.79
CA GLY A 415 5.78 5.58 -12.80
C GLY A 415 6.37 6.52 -11.78
N TYR A 416 6.12 7.83 -11.91
CA TYR A 416 6.60 8.83 -10.97
C TYR A 416 5.46 9.28 -10.06
N PHE A 417 5.81 9.62 -8.83
CA PHE A 417 4.86 10.19 -7.88
C PHE A 417 4.80 11.70 -8.10
N LEU A 418 3.62 12.21 -8.45
CA LEU A 418 3.47 13.63 -8.72
C LEU A 418 3.50 14.43 -7.43
N THR A 419 4.35 15.46 -7.40
CA THR A 419 4.44 16.33 -6.24
C THR A 419 3.30 17.32 -6.16
N GLY A 420 2.57 17.53 -7.24
CA GLY A 420 1.60 18.59 -7.33
C GLY A 420 2.14 19.91 -7.84
N ASP A 421 3.42 19.97 -8.20
CA ASP A 421 4.05 21.18 -8.71
C ASP A 421 4.31 21.05 -10.20
N LEU A 422 4.41 22.20 -10.86
CA LEU A 422 4.88 22.30 -12.23
C LEU A 422 6.27 22.92 -12.22
N ALA A 423 7.10 22.49 -13.17
CA ALA A 423 8.50 22.88 -13.14
C ALA A 423 9.17 22.53 -14.45
N TYR A 424 10.44 22.94 -14.56
CA TYR A 424 11.33 22.52 -15.63
C TYR A 424 12.70 22.24 -15.01
N ARG A 425 13.57 21.60 -15.77
CA ARG A 425 14.91 21.26 -15.31
C ARG A 425 15.93 21.64 -16.36
N ASP A 426 17.16 21.89 -15.93
CA ASP A 426 18.26 22.14 -16.85
C ASP A 426 18.91 20.79 -17.21
N ALA A 427 20.06 20.85 -17.88
CA ALA A 427 20.69 19.63 -18.38
C ALA A 427 21.51 18.89 -17.31
N ALA A 428 21.75 19.52 -16.16
CA ALA A 428 22.38 18.84 -15.03
C ALA A 428 21.36 18.27 -14.06
N ASN A 429 20.08 18.25 -14.44
CA ASN A 429 18.99 17.80 -13.57
C ASN A 429 18.87 18.67 -12.32
N THR A 430 19.15 19.96 -12.47
CA THR A 430 18.75 20.97 -11.48
C THR A 430 17.33 21.39 -11.82
N PHE A 431 16.44 21.33 -10.85
CA PHE A 431 15.03 21.60 -11.07
C PHE A 431 14.66 22.99 -10.55
N TYR A 432 13.61 23.55 -11.14
CA TYR A 432 13.18 24.91 -10.84
C TYR A 432 11.67 24.93 -10.70
N HIS A 433 11.19 25.34 -9.53
CA HIS A 433 9.76 25.39 -9.26
C HIS A 433 9.16 26.62 -9.93
N LEU A 434 7.97 26.44 -10.52
CA LEU A 434 7.28 27.52 -11.20
C LEU A 434 5.91 27.82 -10.63
N ASP A 435 5.25 26.84 -10.00
CA ASP A 435 3.86 27.00 -9.60
C ASP A 435 3.36 25.71 -8.99
N ARG A 436 2.18 25.76 -8.37
CA ARG A 436 1.41 24.55 -8.12
C ARG A 436 0.61 24.24 -9.37
N THR A 437 0.50 22.95 -9.70
CA THR A 437 -0.23 22.55 -10.90
C THR A 437 -1.62 23.19 -10.92
N THR A 438 -2.27 23.28 -9.76
CA THR A 438 -3.60 23.88 -9.69
C THR A 438 -3.56 25.37 -10.00
N ASP A 439 -2.54 26.07 -9.51
CA ASP A 439 -2.48 27.52 -9.61
C ASP A 439 -2.06 28.03 -10.99
N ALA A 440 -1.87 27.15 -11.96
CA ALA A 440 -1.45 27.58 -13.30
C ALA A 440 -2.66 28.08 -14.08
N ILE A 441 -2.48 29.18 -14.80
CA ILE A 441 -3.54 29.85 -15.52
C ILE A 441 -3.23 29.80 -17.01
N ARG A 442 -4.21 29.43 -17.82
CA ARG A 442 -4.08 29.41 -19.27
C ARG A 442 -4.65 30.69 -19.85
N THR A 443 -3.88 31.33 -20.72
CA THR A 443 -4.31 32.51 -21.45
C THR A 443 -4.25 32.21 -22.96
N GLU A 444 -4.65 33.19 -23.76
CA GLU A 444 -4.60 33.04 -25.21
C GLU A 444 -3.18 33.20 -25.75
N GLU A 445 -2.28 33.83 -24.98
CA GLU A 445 -0.88 33.92 -25.36
C GLU A 445 -0.04 32.77 -24.83
N GLY A 446 -0.60 31.95 -23.94
CA GLY A 446 0.11 30.83 -23.37
C GLY A 446 -0.29 30.65 -21.92
N PHE A 447 0.53 29.88 -21.20
CA PHE A 447 0.28 29.62 -19.78
C PHE A 447 1.01 30.64 -18.93
N VAL A 448 0.36 31.06 -17.84
CA VAL A 448 0.96 31.94 -16.84
C VAL A 448 1.08 31.16 -15.54
N TYR A 449 2.28 31.16 -14.96
CA TYR A 449 2.56 30.45 -13.72
C TYR A 449 2.57 31.47 -12.59
N SER A 450 1.55 31.41 -11.73
CA SER A 450 1.31 32.48 -10.78
C SER A 450 2.48 32.65 -9.81
N ALA A 451 2.93 31.55 -9.22
CA ALA A 451 4.03 31.65 -8.26
C ALA A 451 5.25 32.28 -8.89
N TYR A 452 5.52 31.98 -10.15
CA TYR A 452 6.70 32.53 -10.82
C TYR A 452 6.49 34.00 -11.14
N THR A 453 5.32 34.35 -11.68
CA THR A 453 5.01 35.76 -11.94
C THR A 453 5.11 36.58 -10.67
N GLU A 454 4.56 36.07 -9.57
CA GLU A 454 4.63 36.80 -8.30
C GLU A 454 6.08 37.07 -7.89
N GLU A 455 6.92 36.04 -7.96
CA GLU A 455 8.32 36.22 -7.55
C GLU A 455 9.03 37.23 -8.44
N VAL A 456 8.66 37.30 -9.72
CA VAL A 456 9.29 38.25 -10.63
C VAL A 456 8.95 39.67 -10.22
N LEU A 457 7.68 39.95 -9.95
CA LEU A 457 7.27 41.28 -9.54
C LEU A 457 7.93 41.67 -8.23
N LEU A 458 7.95 40.76 -7.26
CA LEU A 458 8.58 41.06 -5.97
C LEU A 458 10.07 41.33 -6.12
N ARG A 459 10.67 40.90 -7.23
CA ARG A 459 12.09 41.16 -7.53
C ARG A 459 12.20 42.54 -8.18
N GLU A 460 11.40 42.80 -9.22
CA GLU A 460 11.50 44.04 -9.97
C GLU A 460 11.01 45.25 -9.19
N TYR A 461 10.20 45.04 -8.16
CA TYR A 461 9.64 46.14 -7.36
C TYR A 461 9.79 45.79 -5.88
N PRO A 462 10.94 46.13 -5.28
CA PRO A 462 11.06 45.96 -3.82
C PRO A 462 9.95 46.67 -3.05
N GLU A 463 9.28 47.64 -3.69
CA GLU A 463 8.18 48.36 -3.07
C GLU A 463 6.99 47.47 -2.75
N ILE A 464 6.94 46.28 -3.31
CA ILE A 464 5.84 45.35 -3.09
C ILE A 464 6.17 44.48 -1.87
N LEU A 465 5.16 44.24 -1.05
CA LEU A 465 5.30 43.38 0.11
C LEU A 465 4.77 41.97 -0.18
N ASP A 466 3.49 41.86 -0.48
CA ASP A 466 2.88 40.59 -0.90
C ASP A 466 2.27 40.77 -2.28
N CYS A 467 2.16 39.67 -3.00
CA CYS A 467 1.71 39.71 -4.39
C CYS A 467 0.99 38.41 -4.71
N THR A 468 -0.10 38.53 -5.48
CA THR A 468 -0.89 37.38 -5.87
C THR A 468 -1.36 37.56 -7.31
N VAL A 469 -1.21 36.51 -8.12
CA VAL A 469 -1.64 36.50 -9.50
C VAL A 469 -2.86 35.61 -9.61
N VAL A 470 -3.90 36.10 -10.30
CA VAL A 470 -5.16 35.38 -10.42
C VAL A 470 -5.66 35.50 -11.85
N GLY A 471 -6.33 34.45 -12.31
CA GLY A 471 -6.99 34.45 -13.60
C GLY A 471 -8.50 34.55 -13.42
N LEU A 472 -9.16 35.12 -14.42
CA LEU A 472 -10.61 35.26 -14.40
C LEU A 472 -11.11 35.12 -15.82
N ALA A 473 -12.28 34.48 -15.96
CA ALA A 473 -12.87 34.27 -17.27
C ALA A 473 -14.39 34.27 -17.14
N ASP A 474 -15.06 34.20 -18.28
CA ASP A 474 -16.51 34.15 -18.28
C ASP A 474 -16.99 33.04 -17.35
N GLU A 475 -18.18 33.23 -16.79
CA GLU A 475 -18.72 32.26 -15.85
C GLU A 475 -18.93 30.92 -16.53
N GLY A 476 -18.33 29.87 -15.97
CA GLY A 476 -18.41 28.53 -16.52
C GLY A 476 -17.17 28.07 -17.27
N VAL A 477 -16.20 28.96 -17.48
CA VAL A 477 -14.98 28.61 -18.19
C VAL A 477 -14.00 27.96 -17.22
N GLU A 478 -13.26 26.98 -17.71
CA GLU A 478 -12.21 26.31 -16.94
C GLU A 478 -10.89 26.52 -17.66
N PHE A 479 -9.91 27.06 -16.94
CA PHE A 479 -8.65 27.49 -17.54
C PHE A 479 -7.44 26.98 -16.78
N GLY A 480 -7.59 25.86 -16.06
CA GLY A 480 -6.48 25.28 -15.34
C GLY A 480 -5.54 24.52 -16.24
N TRP A 481 -4.54 23.88 -15.61
CA TRP A 481 -3.58 23.09 -16.37
C TRP A 481 -4.26 21.92 -17.08
N GLU A 482 -5.24 21.30 -16.43
CA GLU A 482 -5.93 20.14 -17.00
C GLU A 482 -7.11 20.51 -17.87
N ASP A 483 -7.50 21.78 -17.92
CA ASP A 483 -8.63 22.24 -18.72
C ASP A 483 -8.12 22.89 -20.00
N GLU A 484 -9.06 23.30 -20.85
CA GLU A 484 -8.73 23.87 -22.15
C GLU A 484 -9.07 25.36 -22.28
N GLY A 485 -9.95 25.89 -21.43
CA GLY A 485 -10.34 27.28 -21.55
C GLY A 485 -9.20 28.24 -21.26
N VAL A 486 -9.39 29.47 -21.72
CA VAL A 486 -8.40 30.52 -21.52
C VAL A 486 -8.98 31.59 -20.59
N ALA A 487 -8.08 32.36 -19.98
CA ALA A 487 -8.47 33.40 -19.05
C ALA A 487 -7.55 34.60 -19.23
N THR A 488 -7.90 35.69 -18.54
CA THR A 488 -7.07 36.88 -18.44
C THR A 488 -6.54 36.99 -17.02
N VAL A 489 -5.36 37.59 -16.87
CA VAL A 489 -4.60 37.54 -15.63
C VAL A 489 -4.68 38.90 -14.95
N TYR A 490 -4.75 38.87 -13.61
CA TYR A 490 -4.90 40.06 -12.80
C TYR A 490 -4.02 39.96 -11.57
N ALA A 491 -3.41 41.08 -11.19
CA ALA A 491 -2.46 41.14 -10.10
C ALA A 491 -3.04 41.95 -8.93
N LEU A 492 -3.06 41.35 -7.75
CA LEU A 492 -3.45 42.01 -6.52
C LEU A 492 -2.20 42.23 -5.69
N VAL A 493 -1.87 43.49 -5.40
CA VAL A 493 -0.56 43.86 -4.87
C VAL A 493 -0.74 44.56 -3.54
N ASN A 494 -0.15 43.99 -2.48
CA ASN A 494 0.00 44.67 -1.20
C ASN A 494 1.30 45.46 -1.23
N LEU A 495 1.26 46.72 -0.82
CA LEU A 495 2.44 47.56 -0.80
C LEU A 495 2.96 47.72 0.62
N VAL A 496 4.30 47.82 0.73
CA VAL A 496 4.91 48.02 2.04
C VAL A 496 4.47 49.36 2.61
N GLU A 497 4.59 49.48 3.93
CA GLU A 497 4.28 50.74 4.60
C GLU A 497 5.23 51.83 4.13
N GLY A 498 4.67 52.97 3.75
CA GLY A 498 5.43 54.10 3.29
C GLY A 498 5.57 54.22 1.79
N ALA A 499 5.34 53.12 1.06
CA ALA A 499 5.47 53.07 -0.40
C ALA A 499 4.34 53.87 -1.06
N GLU A 500 4.68 54.69 -2.06
CA GLU A 500 3.68 55.50 -2.81
C GLU A 500 3.01 54.61 -3.85
N ALA A 501 1.69 54.71 -3.98
CA ALA A 501 0.93 53.90 -4.97
C ALA A 501 1.29 54.33 -6.38
N PRO A 502 1.05 53.48 -7.40
CA PRO A 502 1.29 53.83 -8.78
C PRO A 502 0.00 54.35 -9.43
N GLN A 503 -0.01 55.57 -9.93
CA GLN A 503 -1.19 56.16 -10.62
C GLN A 503 -1.89 55.06 -11.42
N ASP A 504 -1.16 54.33 -12.26
CA ASP A 504 -1.72 53.23 -13.05
C ASP A 504 -1.01 51.94 -12.63
N PRO A 505 -1.58 51.19 -11.68
CA PRO A 505 -0.90 49.94 -11.28
C PRO A 505 -0.79 48.93 -12.39
N THR A 506 -1.86 48.72 -13.16
CA THR A 506 -1.82 47.77 -14.26
C THR A 506 -0.64 48.06 -15.20
N ALA A 507 -0.51 49.32 -15.64
CA ALA A 507 0.63 49.68 -16.47
C ALA A 507 1.93 49.54 -15.69
N TRP A 508 1.90 49.85 -14.39
CA TRP A 508 3.09 49.68 -13.55
C TRP A 508 3.53 48.22 -13.53
N ILE A 509 2.57 47.31 -13.33
CA ILE A 509 2.87 45.88 -13.36
C ILE A 509 3.41 45.49 -14.74
N ASN A 510 2.63 45.78 -15.79
CA ASN A 510 2.99 45.35 -17.13
C ASN A 510 4.32 45.93 -17.60
N GLU A 511 4.80 47.00 -16.96
CA GLU A 511 6.12 47.51 -17.31
C GLU A 511 7.21 46.60 -16.79
N ALA A 512 7.03 46.04 -15.59
CA ALA A 512 8.00 45.09 -15.05
C ALA A 512 7.92 43.76 -15.78
N LEU A 513 6.69 43.29 -16.07
CA LEU A 513 6.53 42.06 -16.82
C LEU A 513 7.18 42.15 -18.20
N GLY A 514 7.14 43.34 -18.82
CA GLY A 514 7.75 43.49 -20.13
C GLY A 514 9.27 43.53 -20.05
N ARG A 515 9.81 44.40 -19.21
CA ARG A 515 11.26 44.51 -19.06
C ARG A 515 11.88 43.19 -18.63
N ALA A 516 11.10 42.28 -18.04
CA ALA A 516 11.60 40.97 -17.64
C ALA A 516 11.32 39.89 -18.66
N GLY A 517 10.36 40.10 -19.57
CA GLY A 517 10.06 39.16 -20.63
C GLY A 517 8.73 38.44 -20.47
N LEU A 518 8.16 38.44 -19.26
CA LEU A 518 6.92 37.73 -19.02
C LEU A 518 5.78 38.35 -19.82
N PRO A 519 4.66 37.63 -19.97
CA PRO A 519 3.47 38.23 -20.57
C PRO A 519 2.89 39.31 -19.66
N ARG A 520 1.80 39.94 -20.08
CA ARG A 520 1.25 41.09 -19.38
C ARG A 520 -0.12 40.76 -18.80
N VAL A 521 -0.42 41.35 -17.63
CA VAL A 521 -1.70 41.16 -16.96
C VAL A 521 -2.70 42.16 -17.52
N ALA A 522 -3.96 41.74 -17.57
CA ALA A 522 -5.04 42.61 -18.04
C ALA A 522 -5.50 43.61 -17.00
N GLY A 523 -5.05 43.48 -15.76
CA GLY A 523 -5.48 44.40 -14.72
C GLY A 523 -4.63 44.22 -13.47
N ALA A 524 -4.69 45.25 -12.62
CA ALA A 524 -3.99 45.21 -11.34
C ALA A 524 -4.59 46.30 -10.46
N ALA A 525 -4.49 46.09 -9.14
CA ALA A 525 -5.05 47.02 -8.18
C ALA A 525 -4.25 46.93 -6.89
N ILE A 526 -3.82 48.08 -6.37
CA ILE A 526 -3.11 48.12 -5.10
C ILE A 526 -4.12 47.91 -3.98
N VAL A 527 -3.93 46.85 -3.20
CA VAL A 527 -4.80 46.57 -2.08
C VAL A 527 -4.24 47.18 -0.79
N THR A 528 -2.95 47.00 -0.56
CA THR A 528 -2.23 47.55 0.59
C THR A 528 -3.11 47.95 1.76
N MET B 1 5.89 -30.16 -23.25
CA MET B 1 7.12 -29.66 -23.94
C MET B 1 7.48 -28.25 -23.48
N MET B 2 8.76 -28.05 -23.17
CA MET B 2 9.22 -26.76 -22.69
C MET B 2 9.30 -25.76 -23.83
N ILE B 3 9.08 -24.48 -23.50
CA ILE B 3 9.15 -23.44 -24.53
C ILE B 3 10.55 -23.40 -25.13
N SER B 4 10.63 -22.85 -26.34
CA SER B 4 11.89 -22.75 -27.05
C SER B 4 12.81 -21.73 -26.38
N GLU B 5 14.13 -21.96 -26.51
CA GLU B 5 15.10 -21.04 -25.93
C GLU B 5 14.96 -19.64 -26.53
N ASP B 6 14.50 -19.54 -27.78
CA ASP B 6 14.29 -18.23 -28.38
C ASP B 6 13.22 -17.45 -27.62
N LEU B 7 12.08 -18.09 -27.35
CA LEU B 7 11.03 -17.42 -26.60
C LEU B 7 11.46 -17.13 -25.17
N ARG B 8 12.15 -18.08 -24.54
CA ARG B 8 12.65 -17.86 -23.19
C ARG B 8 13.52 -16.61 -23.12
N GLN B 9 14.42 -16.44 -24.08
CA GLN B 9 15.31 -15.29 -24.05
C GLN B 9 14.56 -13.99 -24.33
N LYS B 10 13.53 -14.03 -25.17
CA LYS B 10 12.75 -12.83 -25.45
C LYS B 10 11.95 -12.40 -24.22
N VAL B 11 11.35 -13.37 -23.52
CA VAL B 11 10.59 -13.05 -22.31
C VAL B 11 11.52 -12.50 -21.24
N LEU B 12 12.61 -13.21 -20.94
CA LEU B 12 13.50 -12.80 -19.88
C LEU B 12 14.24 -11.51 -20.20
N ALA B 13 14.26 -11.10 -21.47
CA ALA B 13 14.86 -9.84 -21.86
C ALA B 13 13.85 -8.69 -21.92
N ASP B 14 12.55 -8.99 -21.85
CA ASP B 14 11.50 -8.00 -21.93
C ASP B 14 11.19 -7.49 -20.53
N ALA B 15 11.89 -6.41 -20.14
CA ALA B 15 11.65 -5.81 -18.83
C ALA B 15 10.32 -5.09 -18.77
N ALA B 16 9.63 -4.92 -19.89
CA ALA B 16 8.32 -4.28 -19.90
C ALA B 16 7.19 -5.27 -19.72
N LEU B 17 7.46 -6.57 -19.88
CA LEU B 17 6.42 -7.58 -19.83
C LEU B 17 5.85 -7.71 -18.42
N GLY B 18 4.52 -7.71 -18.33
CA GLY B 18 3.85 -7.97 -17.08
C GLY B 18 2.40 -8.37 -17.34
N ALA B 19 1.64 -8.46 -16.24
CA ALA B 19 0.26 -8.93 -16.34
C ALA B 19 -0.66 -7.93 -17.01
N GLY B 20 -0.24 -6.68 -17.16
CA GLY B 20 -1.07 -5.67 -17.78
C GLY B 20 -0.94 -5.52 -19.28
N ASN B 21 -0.02 -6.26 -19.93
CA ASN B 21 0.20 -6.06 -21.35
C ASN B 21 0.59 -7.33 -22.10
N VAL B 22 0.27 -8.52 -21.59
CA VAL B 22 0.71 -9.76 -22.21
C VAL B 22 0.41 -9.75 -23.71
N ILE B 23 -0.87 -9.60 -24.07
CA ILE B 23 -1.27 -9.78 -25.46
C ILE B 23 -0.54 -8.80 -26.37
N HIS B 24 -0.13 -7.65 -25.85
CA HIS B 24 0.52 -6.64 -26.67
C HIS B 24 1.99 -6.93 -26.90
N ARG B 25 2.62 -7.75 -26.05
CA ARG B 25 4.01 -8.13 -26.29
C ARG B 25 4.13 -9.31 -27.25
N LEU B 26 3.09 -10.15 -27.32
CA LEU B 26 3.19 -11.36 -28.14
C LEU B 26 3.53 -11.04 -29.59
N PRO B 27 2.84 -10.13 -30.28
CA PRO B 27 3.26 -9.79 -31.65
C PRO B 27 4.72 -9.37 -31.72
N LEU B 28 5.25 -8.74 -30.67
CA LEU B 28 6.64 -8.29 -30.68
C LEU B 28 7.61 -9.46 -30.61
N TYR B 29 7.21 -10.57 -29.97
CA TYR B 29 8.03 -11.76 -29.94
C TYR B 29 8.00 -12.54 -31.25
N GLY B 30 7.20 -12.10 -32.22
CA GLY B 30 7.06 -12.80 -33.48
C GLY B 30 5.83 -13.65 -33.63
N ARG B 31 4.86 -13.52 -32.73
CA ARG B 31 3.65 -14.34 -32.81
C ARG B 31 2.77 -13.88 -33.96
N SER B 32 2.17 -14.85 -34.64
CA SER B 32 1.28 -14.55 -35.75
C SER B 32 -0.09 -14.14 -35.23
N LEU B 33 -0.65 -13.08 -35.82
CA LEU B 33 -2.01 -12.68 -35.49
C LEU B 33 -3.05 -13.65 -36.00
N ASP B 34 -2.68 -14.57 -36.89
CA ASP B 34 -3.60 -15.54 -37.46
C ASP B 34 -3.65 -16.85 -36.69
N GLU B 35 -2.80 -17.03 -35.69
CA GLU B 35 -2.77 -18.28 -34.93
C GLU B 35 -3.88 -18.30 -33.90
N GLU B 36 -4.54 -19.46 -33.78
CA GLU B 36 -5.51 -19.67 -32.72
C GLU B 36 -4.80 -19.80 -31.38
N VAL B 37 -5.35 -19.14 -30.35
CA VAL B 37 -4.65 -19.02 -29.08
C VAL B 37 -5.58 -19.32 -27.91
N LEU B 38 -6.85 -18.96 -28.03
CA LEU B 38 -7.80 -19.06 -26.93
C LEU B 38 -9.06 -19.76 -27.41
N TRP B 39 -9.42 -20.85 -26.73
CA TRP B 39 -10.59 -21.65 -27.07
C TRP B 39 -11.67 -21.41 -26.02
N LEU B 40 -12.89 -21.13 -26.49
CA LEU B 40 -14.02 -20.78 -25.63
C LEU B 40 -15.11 -21.81 -25.76
N ASP B 41 -15.88 -21.99 -24.67
CA ASP B 41 -16.83 -23.07 -24.56
C ASP B 41 -18.18 -22.76 -25.19
N GLY B 42 -18.37 -21.57 -25.74
CA GLY B 42 -19.59 -21.23 -26.43
C GLY B 42 -20.57 -20.37 -25.65
N THR B 43 -20.30 -20.09 -24.37
CA THR B 43 -21.22 -19.30 -23.56
C THR B 43 -20.95 -17.80 -23.65
N TRP B 44 -19.88 -17.38 -24.32
CA TRP B 44 -19.54 -15.97 -24.42
C TRP B 44 -20.00 -15.43 -25.77
N ARG B 45 -20.75 -14.32 -25.74
CA ARG B 45 -21.25 -13.68 -26.95
C ARG B 45 -20.34 -12.51 -27.30
N ALA B 46 -19.81 -12.51 -28.52
CA ALA B 46 -18.91 -11.47 -28.98
C ALA B 46 -19.70 -10.24 -29.41
N PRO B 47 -19.03 -9.10 -29.61
CA PRO B 47 -19.75 -7.89 -30.01
C PRO B 47 -20.52 -8.05 -31.31
N ASP B 48 -20.03 -8.85 -32.25
CA ASP B 48 -20.69 -9.07 -33.53
C ASP B 48 -21.86 -10.03 -33.44
N GLY B 49 -22.23 -10.48 -32.23
CA GLY B 49 -23.31 -11.42 -32.06
C GLY B 49 -22.91 -12.88 -32.14
N SER B 50 -21.71 -13.16 -32.64
CA SER B 50 -21.23 -14.53 -32.71
C SER B 50 -20.97 -15.09 -31.31
N ARG B 51 -20.98 -16.42 -31.21
CA ARG B 51 -20.58 -17.14 -30.00
C ARG B 51 -19.35 -17.95 -30.37
N PRO B 52 -18.17 -17.32 -30.42
CA PRO B 52 -17.00 -18.00 -30.97
C PRO B 52 -16.56 -19.17 -30.12
N GLU B 53 -15.95 -20.16 -30.78
CA GLU B 53 -15.34 -21.29 -30.10
C GLU B 53 -13.82 -21.19 -30.05
N VAL B 54 -13.23 -20.30 -30.85
CA VAL B 54 -11.79 -20.08 -30.84
C VAL B 54 -11.54 -18.64 -31.29
N LEU B 55 -10.50 -18.04 -30.71
CA LEU B 55 -10.07 -16.70 -31.08
C LEU B 55 -8.60 -16.74 -31.48
N THR B 56 -8.27 -16.07 -32.59
CA THR B 56 -6.87 -15.90 -32.94
C THR B 56 -6.27 -14.76 -32.13
N LEU B 57 -4.94 -14.67 -32.15
CA LEU B 57 -4.27 -13.53 -31.52
C LEU B 57 -4.83 -12.23 -32.08
N GLY B 58 -4.96 -12.13 -33.40
CA GLY B 58 -5.57 -10.95 -33.99
C GLY B 58 -7.02 -10.78 -33.58
N GLY B 59 -7.79 -11.87 -33.60
CA GLY B 59 -9.17 -11.83 -33.14
C GLY B 59 -9.29 -11.32 -31.72
N LEU B 60 -8.60 -11.98 -30.79
CA LEU B 60 -8.63 -11.55 -29.40
C LEU B 60 -8.25 -10.07 -29.26
N HIS B 61 -7.22 -9.64 -30.00
CA HIS B 61 -6.84 -8.23 -29.97
C HIS B 61 -8.02 -7.34 -30.32
N GLU B 62 -8.80 -7.74 -31.34
CA GLU B 62 -9.92 -6.90 -31.77
C GLU B 62 -10.99 -6.85 -30.69
N VAL B 63 -11.48 -8.02 -30.26
CA VAL B 63 -12.48 -8.06 -29.19
C VAL B 63 -12.05 -7.19 -28.02
N VAL B 64 -10.80 -7.34 -27.59
CA VAL B 64 -10.31 -6.58 -26.44
C VAL B 64 -10.32 -5.09 -26.75
N ALA B 65 -9.85 -4.72 -27.94
CA ALA B 65 -9.84 -3.30 -28.32
C ALA B 65 -11.25 -2.74 -28.42
N GLU B 66 -12.23 -3.56 -28.82
CA GLU B 66 -13.61 -3.10 -28.83
C GLU B 66 -14.05 -2.73 -27.42
N TYR B 67 -13.86 -3.63 -26.46
CA TYR B 67 -14.20 -3.32 -25.07
C TYR B 67 -13.45 -2.10 -24.58
N ALA B 68 -12.16 -1.99 -24.93
CA ALA B 68 -11.37 -0.84 -24.49
C ALA B 68 -11.97 0.46 -25.02
N GLY B 69 -12.39 0.47 -26.28
CA GLY B 69 -13.05 1.64 -26.81
C GLY B 69 -14.34 1.97 -26.08
N PHE B 70 -15.15 0.95 -25.80
CA PHE B 70 -16.38 1.17 -25.05
C PHE B 70 -16.11 1.82 -23.70
N TYR B 71 -15.08 1.33 -23.00
CA TYR B 71 -14.79 1.86 -21.66
C TYR B 71 -14.29 3.30 -21.74
N THR B 72 -13.49 3.63 -22.76
CA THR B 72 -12.96 4.98 -22.86
C THR B 72 -14.05 5.98 -23.21
N ARG B 73 -14.87 5.66 -24.21
CA ARG B 73 -16.01 6.53 -24.52
C ARG B 73 -16.88 6.74 -23.29
N ALA B 74 -17.06 5.69 -22.49
CA ALA B 74 -17.95 5.75 -21.34
C ALA B 74 -17.37 6.53 -20.17
N GLY B 75 -16.11 6.96 -20.24
CA GLY B 75 -15.51 7.80 -19.23
C GLY B 75 -14.39 7.18 -18.44
N VAL B 76 -14.12 5.88 -18.62
CA VAL B 76 -13.09 5.22 -17.83
C VAL B 76 -11.71 5.73 -18.24
N ARG B 77 -10.88 6.05 -17.25
CA ARG B 77 -9.55 6.57 -17.47
C ARG B 77 -8.54 5.76 -16.67
N ALA B 78 -7.25 6.02 -16.93
CA ALA B 78 -6.20 5.29 -16.24
C ALA B 78 -6.35 5.41 -14.73
N LYS B 79 -6.03 4.32 -14.03
CA LYS B 79 -6.04 4.21 -12.58
C LYS B 79 -7.44 4.10 -12.00
N ASP B 80 -8.48 4.12 -12.82
CA ASP B 80 -9.83 3.90 -12.31
C ASP B 80 -10.09 2.41 -12.14
N ALA B 81 -11.01 2.10 -11.22
CA ALA B 81 -11.47 0.73 -11.02
C ALA B 81 -12.84 0.55 -11.65
N VAL B 82 -13.09 -0.66 -12.14
CA VAL B 82 -14.35 -1.00 -12.80
C VAL B 82 -14.74 -2.40 -12.37
N ALA B 83 -15.87 -2.53 -11.69
CA ALA B 83 -16.32 -3.82 -11.18
C ALA B 83 -16.88 -4.68 -12.31
N ILE B 84 -16.36 -5.89 -12.43
CA ILE B 84 -16.86 -6.88 -13.38
C ILE B 84 -17.61 -7.91 -12.57
N VAL B 85 -18.94 -7.85 -12.59
CA VAL B 85 -19.78 -8.79 -11.88
C VAL B 85 -20.20 -9.87 -12.86
N SER B 86 -19.72 -11.10 -12.64
CA SER B 86 -20.02 -12.20 -13.54
C SER B 86 -19.69 -13.50 -12.85
N THR B 87 -19.83 -14.59 -13.60
CA THR B 87 -19.41 -15.92 -13.18
C THR B 87 -18.53 -16.60 -14.22
N SER B 88 -18.24 -15.93 -15.33
CA SER B 88 -17.57 -16.55 -16.47
C SER B 88 -16.09 -16.18 -16.50
N ILE B 89 -15.24 -17.21 -16.55
CA ILE B 89 -13.79 -16.96 -16.65
C ILE B 89 -13.48 -16.11 -17.88
N THR B 90 -14.19 -16.35 -18.98
CA THR B 90 -13.94 -15.60 -20.20
C THR B 90 -14.39 -14.14 -20.06
N ASP B 91 -15.51 -13.91 -19.37
CA ASP B 91 -15.92 -12.54 -19.09
C ASP B 91 -14.81 -11.77 -18.39
N PHE B 92 -14.33 -12.32 -17.26
CA PHE B 92 -13.31 -11.63 -16.48
C PHE B 92 -12.04 -11.42 -17.28
N ALA B 93 -11.59 -12.46 -17.98
CA ALA B 93 -10.30 -12.38 -18.66
C ALA B 93 -10.32 -11.33 -19.77
N LEU B 94 -11.40 -11.28 -20.55
CA LEU B 94 -11.45 -10.31 -21.64
C LEU B 94 -11.58 -8.88 -21.10
N ASN B 95 -12.41 -8.68 -20.08
CA ASN B 95 -12.53 -7.36 -19.48
C ASN B 95 -11.20 -6.91 -18.86
N LEU B 96 -10.47 -7.85 -18.25
CA LEU B 96 -9.19 -7.50 -17.64
C LEU B 96 -8.19 -7.06 -18.71
N MET B 97 -8.13 -7.77 -19.83
CA MET B 97 -7.24 -7.37 -20.91
C MET B 97 -7.63 -6.00 -21.46
N ALA B 98 -8.94 -5.72 -21.54
CA ALA B 98 -9.40 -4.44 -22.05
C ALA B 98 -9.04 -3.30 -21.10
N LEU B 99 -9.33 -3.48 -19.80
CA LEU B 99 -9.15 -2.38 -18.86
C LEU B 99 -7.68 -2.05 -18.65
N THR B 100 -6.83 -3.08 -18.57
CA THR B 100 -5.39 -2.82 -18.45
C THR B 100 -4.85 -2.13 -19.70
N GLY B 101 -5.43 -2.42 -20.86
CA GLY B 101 -5.03 -1.75 -22.09
C GLY B 101 -5.14 -0.24 -22.02
N ILE B 102 -5.98 0.28 -21.12
CA ILE B 102 -6.15 1.72 -20.96
C ILE B 102 -5.73 2.19 -19.57
N GLY B 103 -5.10 1.33 -18.79
CA GLY B 103 -4.57 1.71 -17.50
C GLY B 103 -5.53 1.61 -16.34
N ALA B 104 -6.71 1.02 -16.55
CA ALA B 104 -7.71 0.92 -15.51
C ALA B 104 -7.56 -0.42 -14.76
N ILE B 105 -8.39 -0.61 -13.74
CA ILE B 105 -8.29 -1.74 -12.84
C ILE B 105 -9.59 -2.55 -12.91
N ALA B 106 -9.46 -3.85 -13.17
CA ALA B 106 -10.61 -4.74 -13.24
C ALA B 106 -10.84 -5.36 -11.87
N SER B 107 -11.91 -4.94 -11.19
CA SER B 107 -12.32 -5.55 -9.93
C SER B 107 -13.25 -6.71 -10.26
N LEU B 108 -12.81 -7.93 -9.96
CA LEU B 108 -13.55 -9.14 -10.30
C LEU B 108 -14.48 -9.51 -9.15
N VAL B 109 -15.78 -9.44 -9.40
CA VAL B 109 -16.79 -9.72 -8.39
C VAL B 109 -17.58 -10.96 -8.81
N ASN B 110 -17.46 -12.02 -8.01
CA ASN B 110 -18.28 -13.21 -8.19
C ASN B 110 -19.75 -12.85 -8.04
N ALA B 111 -20.51 -12.93 -9.13
CA ALA B 111 -21.89 -12.43 -9.11
C ALA B 111 -22.73 -13.13 -8.06
N ASN B 112 -22.39 -14.36 -7.71
CA ASN B 112 -23.15 -15.13 -6.73
C ASN B 112 -22.88 -14.70 -5.29
N MET B 113 -22.15 -13.62 -5.08
CA MET B 113 -21.95 -13.11 -3.73
C MET B 113 -23.28 -12.62 -3.19
N PRO B 114 -23.70 -13.04 -1.99
CA PRO B 114 -24.96 -12.54 -1.42
C PRO B 114 -25.18 -11.05 -1.65
N ALA B 115 -26.41 -10.69 -2.02
CA ALA B 115 -26.67 -9.35 -2.54
C ALA B 115 -26.34 -8.28 -1.51
N GLU B 116 -26.71 -8.49 -0.24
CA GLU B 116 -26.41 -7.48 0.76
C GLU B 116 -24.91 -7.31 0.92
N THR B 117 -24.15 -8.41 0.89
CA THR B 117 -22.70 -8.32 0.99
C THR B 117 -22.09 -7.75 -0.27
N ARG B 118 -22.57 -8.19 -1.44
CA ARG B 118 -22.02 -7.68 -2.70
C ARG B 118 -22.25 -6.18 -2.83
N ARG B 119 -23.38 -5.68 -2.33
CA ARG B 119 -23.65 -4.25 -2.38
C ARG B 119 -22.63 -3.48 -1.55
N GLU B 120 -22.40 -3.91 -0.31
CA GLU B 120 -21.42 -3.25 0.54
C GLU B 120 -20.01 -3.46 0.00
N TYR B 121 -19.73 -4.64 -0.56
CA TYR B 121 -18.38 -4.90 -1.06
C TYR B 121 -18.02 -3.95 -2.19
N ILE B 122 -18.92 -3.80 -3.17
CA ILE B 122 -18.63 -2.95 -4.31
C ILE B 122 -18.63 -1.48 -3.89
N ARG B 123 -19.50 -1.11 -2.96
CA ARG B 123 -19.59 0.29 -2.53
C ARG B 123 -18.28 0.78 -1.94
N ARG B 124 -17.63 -0.05 -1.12
CA ARG B 124 -16.39 0.37 -0.47
C ARG B 124 -15.28 0.66 -1.47
N GLN B 125 -15.34 0.06 -2.66
CA GLN B 125 -14.27 0.20 -3.64
C GLN B 125 -14.32 1.53 -4.38
N ARG B 126 -15.49 2.15 -4.47
CA ARG B 126 -15.63 3.44 -5.14
C ARG B 126 -15.21 3.33 -6.61
N VAL B 127 -15.79 2.34 -7.30
CA VAL B 127 -15.52 2.12 -8.71
C VAL B 127 -16.23 3.17 -9.55
N VAL B 128 -15.66 3.48 -10.72
CA VAL B 128 -16.29 4.42 -11.64
C VAL B 128 -17.21 3.74 -12.64
N GLY B 129 -17.41 2.42 -12.53
CA GLY B 129 -18.27 1.74 -13.47
C GLY B 129 -18.47 0.29 -13.08
N ILE B 130 -19.55 -0.29 -13.62
CA ILE B 130 -19.89 -1.69 -13.42
C ILE B 130 -20.22 -2.29 -14.78
N MET B 131 -19.61 -3.44 -15.08
CA MET B 131 -19.87 -4.18 -16.30
C MET B 131 -20.36 -5.57 -15.91
N THR B 132 -21.50 -5.97 -16.47
CA THR B 132 -22.14 -7.20 -16.04
C THR B 132 -22.98 -7.75 -17.19
N ARG B 133 -23.83 -8.73 -16.87
CA ARG B 133 -24.72 -9.35 -17.84
C ARG B 133 -26.14 -9.36 -17.26
N GLU B 134 -27.10 -9.69 -18.12
CA GLU B 134 -28.51 -9.54 -17.76
C GLU B 134 -28.88 -10.16 -16.42
N PRO B 135 -28.44 -11.38 -16.07
CA PRO B 135 -28.96 -12.02 -14.85
C PRO B 135 -28.81 -11.18 -13.58
N TRP B 136 -27.85 -10.25 -13.58
CA TRP B 136 -27.57 -9.44 -12.40
C TRP B 136 -27.67 -7.95 -12.64
N HIS B 137 -27.75 -7.51 -13.90
CA HIS B 137 -27.73 -6.08 -14.21
C HIS B 137 -28.83 -5.33 -13.47
N ALA B 138 -30.00 -5.95 -13.32
CA ALA B 138 -31.11 -5.27 -12.64
C ALA B 138 -30.72 -4.87 -11.22
N ASP B 139 -30.36 -5.87 -10.40
CA ASP B 139 -30.03 -5.58 -9.01
C ASP B 139 -28.83 -4.65 -8.89
N LEU B 140 -27.89 -4.72 -9.84
CA LEU B 140 -26.69 -3.91 -9.76
C LEU B 140 -26.96 -2.43 -10.02
N LEU B 141 -28.10 -2.10 -10.64
CA LEU B 141 -28.42 -0.69 -10.86
C LEU B 141 -28.63 0.05 -9.55
N ALA B 142 -28.89 -0.66 -8.45
CA ALA B 142 -29.01 -0.01 -7.15
C ALA B 142 -27.80 0.85 -6.82
N HIS B 143 -26.62 0.44 -7.28
CA HIS B 143 -25.40 1.18 -6.96
C HIS B 143 -25.45 2.61 -7.47
N LEU B 144 -26.28 2.90 -8.48
CA LEU B 144 -26.41 4.27 -8.97
C LEU B 144 -27.05 5.19 -7.92
N ASP B 145 -27.65 4.63 -6.87
CA ASP B 145 -28.19 5.41 -5.77
C ASP B 145 -27.23 5.54 -4.60
N ASP B 146 -25.97 5.12 -4.77
CA ASP B 146 -24.97 5.26 -3.73
C ASP B 146 -24.49 6.71 -3.63
N ASP B 147 -23.92 7.04 -2.48
CA ASP B 147 -23.41 8.39 -2.28
C ASP B 147 -22.30 8.72 -3.26
N GLU B 148 -21.48 7.72 -3.62
CA GLU B 148 -20.46 7.85 -4.67
C GLU B 148 -20.81 6.83 -5.74
N PRO B 149 -21.62 7.19 -6.73
CA PRO B 149 -22.16 6.20 -7.66
C PRO B 149 -21.22 5.96 -8.83
N PRO B 150 -21.35 4.81 -9.51
CA PRO B 150 -20.62 4.60 -10.75
C PRO B 150 -21.23 5.40 -11.90
N LEU B 151 -20.36 5.76 -12.85
CA LEU B 151 -20.84 6.47 -14.03
C LEU B 151 -21.81 5.62 -14.84
N PHE B 152 -21.70 4.30 -14.77
CA PHE B 152 -22.53 3.42 -15.57
C PHE B 152 -22.61 2.05 -14.93
N VAL B 153 -23.72 1.36 -15.20
CA VAL B 153 -23.89 -0.06 -14.85
C VAL B 153 -24.36 -0.73 -16.13
N ALA B 154 -23.42 -1.16 -16.96
CA ALA B 154 -23.69 -1.54 -18.33
C ALA B 154 -23.73 -3.06 -18.51
N LEU B 155 -24.23 -3.47 -19.66
CA LEU B 155 -24.22 -4.86 -20.09
C LEU B 155 -23.17 -5.05 -21.17
N GLN B 156 -22.61 -6.26 -21.23
CA GLN B 156 -21.61 -6.57 -22.24
C GLN B 156 -22.18 -6.52 -23.65
N SER B 157 -23.50 -6.61 -23.80
CA SER B 157 -24.12 -6.46 -25.11
C SER B 157 -23.98 -5.04 -25.64
N GLU B 158 -23.84 -4.06 -24.75
CA GLU B 158 -23.67 -2.68 -25.18
C GLU B 158 -22.37 -2.46 -25.96
N VAL B 159 -21.45 -3.41 -25.93
CA VAL B 159 -20.20 -3.31 -26.67
C VAL B 159 -20.50 -3.67 -28.12
N GLU B 160 -20.38 -2.69 -29.01
CA GLU B 160 -20.79 -2.86 -30.40
C GLU B 160 -19.59 -2.90 -31.33
N PRO B 161 -19.66 -3.66 -32.43
CA PRO B 161 -18.60 -3.59 -33.44
C PRO B 161 -18.35 -2.16 -33.87
N GLY B 162 -17.09 -1.72 -33.76
CA GLY B 162 -16.71 -0.37 -34.08
C GLY B 162 -16.36 0.47 -32.87
N ASN B 163 -16.69 0.03 -31.66
CA ASN B 163 -16.35 0.80 -30.47
C ASN B 163 -14.84 1.02 -30.37
N ARG B 164 -14.05 0.11 -30.95
CA ARG B 164 -12.59 0.22 -30.89
C ARG B 164 -12.11 1.57 -31.40
N GLU B 165 -12.88 2.22 -32.27
CA GLU B 165 -12.50 3.55 -32.76
C GLU B 165 -12.33 4.54 -31.63
N HIS B 166 -13.01 4.32 -30.50
CA HIS B 166 -13.01 5.27 -29.40
C HIS B 166 -11.85 5.07 -28.42
N ARG B 167 -11.06 4.01 -28.57
CA ARG B 167 -9.96 3.76 -27.65
C ARG B 167 -8.96 4.92 -27.71
N PRO B 168 -8.21 5.15 -26.64
CA PRO B 168 -7.25 6.26 -26.65
C PRO B 168 -6.24 6.09 -27.77
N ALA B 169 -5.57 7.20 -28.09
CA ALA B 169 -4.58 7.17 -29.18
C ALA B 169 -3.29 6.48 -28.74
N ALA B 170 -2.91 6.61 -27.47
CA ALA B 170 -1.71 5.96 -26.95
C ALA B 170 -1.93 4.48 -26.64
N TYR B 171 -3.02 3.89 -27.12
CA TYR B 171 -3.29 2.48 -26.87
C TYR B 171 -2.20 1.63 -27.50
N PRO B 172 -1.65 0.63 -26.79
CA PRO B 172 -1.97 0.23 -25.40
C PRO B 172 -1.18 0.99 -24.35
N PHE B 173 -1.69 0.97 -23.12
CA PHE B 173 -1.07 1.66 -21.99
C PHE B 173 0.25 1.01 -21.61
N ARG B 174 1.23 1.85 -21.24
CA ARG B 174 2.54 1.39 -20.79
C ARG B 174 2.53 1.37 -19.25
N HIS B 175 2.60 0.17 -18.68
CA HIS B 175 2.45 -0.01 -17.24
C HIS B 175 3.79 0.18 -16.54
N ALA B 176 3.77 0.95 -15.45
CA ALA B 176 4.86 0.88 -14.49
C ALA B 176 4.68 -0.37 -13.64
N PRO B 177 5.76 -0.89 -13.06
CA PRO B 177 5.64 -2.15 -12.30
C PRO B 177 4.58 -2.09 -11.20
N GLY B 178 4.47 -0.96 -10.52
CA GLY B 178 3.53 -0.81 -9.43
C GLY B 178 2.14 -0.38 -9.81
N ASP B 179 1.85 -0.19 -11.09
CA ASP B 179 0.51 0.20 -11.50
C ASP B 179 -0.46 -0.94 -11.21
N PRO B 180 -1.61 -0.66 -10.59
CA PRO B 180 -2.58 -1.73 -10.34
C PRO B 180 -3.24 -2.19 -11.63
N ILE B 181 -3.70 -3.45 -11.62
CA ILE B 181 -4.36 -4.02 -12.77
C ILE B 181 -5.64 -4.81 -12.42
N LEU B 182 -5.75 -5.25 -11.16
CA LEU B 182 -6.79 -6.22 -10.82
C LEU B 182 -7.12 -6.12 -9.34
N ILE B 183 -8.39 -6.42 -9.03
CA ILE B 183 -8.84 -6.55 -7.64
C ILE B 183 -9.71 -7.79 -7.54
N SER B 184 -9.48 -8.60 -6.52
CA SER B 184 -10.23 -9.82 -6.28
C SER B 184 -10.60 -9.87 -4.80
N HIS B 185 -11.58 -10.71 -4.48
CA HIS B 185 -12.09 -10.78 -3.12
C HIS B 185 -11.77 -12.11 -2.47
N SER B 186 -11.62 -12.07 -1.15
CA SER B 186 -11.39 -13.27 -0.35
C SER B 186 -12.63 -14.15 -0.37
N SER B 187 -12.48 -15.36 0.14
CA SER B 187 -13.58 -16.32 0.19
C SER B 187 -14.34 -16.23 1.51
N THR B 189 -17.02 -16.30 3.52
CA THR B 189 -18.44 -16.58 3.71
C THR B 189 -19.03 -15.71 4.80
N THR B 190 -18.20 -15.31 5.75
CA THR B 190 -18.61 -14.50 6.90
C THR B 190 -17.98 -13.12 6.78
N GLY B 191 -18.78 -12.08 7.01
CA GLY B 191 -18.29 -10.73 6.94
C GLY B 191 -18.10 -10.25 5.52
N ILE B 192 -17.68 -9.00 5.40
CA ILE B 192 -17.38 -8.44 4.07
C ILE B 192 -16.07 -9.01 3.59
N PRO B 193 -16.00 -9.53 2.35
CA PRO B 193 -14.71 -10.04 1.86
C PRO B 193 -13.66 -8.95 1.80
N LYS B 194 -12.40 -9.36 1.95
CA LYS B 194 -11.28 -8.45 1.77
C LYS B 194 -11.02 -8.29 0.27
N SER B 195 -10.63 -7.08 -0.13
CA SER B 195 -10.41 -6.74 -1.53
C SER B 195 -8.90 -6.53 -1.74
N ALA B 196 -8.24 -7.55 -2.28
CA ALA B 196 -6.81 -7.50 -2.55
C ALA B 196 -6.57 -7.09 -3.99
N PHE B 197 -5.65 -6.14 -4.19
CA PHE B 197 -5.29 -5.70 -5.53
C PHE B 197 -3.90 -6.19 -5.89
N HIS B 198 -3.69 -6.37 -7.20
CA HIS B 198 -2.43 -6.86 -7.74
C HIS B 198 -1.93 -5.88 -8.78
N THR B 199 -0.62 -5.85 -8.95
CA THR B 199 0.03 -4.91 -9.87
C THR B 199 0.54 -5.64 -11.10
N HIS B 200 0.87 -4.84 -12.12
CA HIS B 200 1.60 -5.28 -13.30
C HIS B 200 2.67 -6.29 -12.93
N GLU B 201 3.40 -6.03 -11.84
CA GLU B 201 4.53 -6.86 -11.45
C GLU B 201 4.11 -8.04 -10.57
N THR B 202 3.32 -7.80 -9.53
CA THR B 202 3.09 -8.84 -8.53
C THR B 202 2.40 -10.06 -9.14
N LEU B 203 1.44 -9.83 -10.03
CA LEU B 203 0.65 -10.95 -10.56
C LEU B 203 1.46 -11.86 -11.46
N PHE B 204 2.61 -11.42 -11.96
CA PHE B 204 3.46 -12.22 -12.82
C PHE B 204 4.82 -12.54 -12.19
N HIS B 205 5.06 -12.13 -10.95
CA HIS B 205 6.37 -12.32 -10.36
C HIS B 205 6.69 -13.79 -10.16
N GLY B 206 5.73 -14.55 -9.64
CA GLY B 206 5.96 -15.98 -9.44
C GLY B 206 6.12 -16.74 -10.73
N ALA B 207 5.34 -16.38 -11.75
CA ALA B 207 5.42 -17.10 -13.02
C ALA B 207 6.73 -16.80 -13.73
N LEU B 208 7.19 -15.55 -13.68
CA LEU B 208 8.45 -15.22 -14.34
C LEU B 208 9.63 -15.82 -13.59
N SER B 209 9.56 -15.85 -12.25
CA SER B 209 10.63 -16.45 -11.47
C SER B 209 10.76 -17.93 -11.78
N ARG B 210 9.64 -18.65 -11.82
CA ARG B 210 9.66 -20.07 -12.14
C ARG B 210 10.18 -20.29 -13.56
N LEU B 211 9.69 -19.50 -14.51
CA LEU B 211 10.17 -19.58 -15.89
C LEU B 211 11.69 -19.44 -15.94
N ALA B 212 12.23 -18.46 -15.21
CA ALA B 212 13.68 -18.28 -15.17
C ALA B 212 14.39 -19.54 -14.71
N ASP B 213 13.76 -20.32 -13.83
CA ASP B 213 14.33 -21.55 -13.31
C ASP B 213 14.02 -22.75 -14.20
N GLY B 214 13.47 -22.52 -15.39
CA GLY B 214 13.09 -23.62 -16.25
C GLY B 214 11.90 -24.42 -15.77
N LEU B 215 10.94 -23.76 -15.13
CA LEU B 215 9.76 -24.42 -14.59
C LEU B 215 8.50 -23.69 -15.03
N ASP B 216 7.38 -24.41 -14.99
CA ASP B 216 6.06 -23.87 -15.32
C ASP B 216 6.11 -23.07 -16.62
N CYS B 217 6.74 -23.64 -17.64
CA CYS B 217 6.96 -22.95 -18.91
C CYS B 217 6.88 -23.94 -20.06
N SER B 218 5.80 -24.70 -20.13
CA SER B 218 5.54 -25.62 -21.22
C SER B 218 4.50 -25.04 -22.17
N THR B 219 4.46 -25.60 -23.38
CA THR B 219 3.44 -25.27 -24.36
C THR B 219 2.24 -26.20 -24.29
N ARG B 220 2.08 -26.92 -23.17
CA ARG B 220 1.06 -27.94 -23.06
C ARG B 220 -0.33 -27.32 -23.03
N LYS B 221 -1.28 -28.00 -23.69
CA LYS B 221 -2.67 -27.57 -23.67
C LYS B 221 -3.22 -27.63 -22.26
N ARG B 222 -3.90 -26.57 -21.84
CA ARG B 222 -4.40 -26.45 -20.47
C ARG B 222 -5.88 -26.08 -20.50
N LEU B 223 -6.71 -26.91 -19.89
CA LEU B 223 -8.13 -26.63 -19.73
C LEU B 223 -8.36 -25.96 -18.39
N LEU B 224 -8.89 -24.74 -18.41
CA LEU B 224 -9.09 -23.93 -17.21
C LEU B 224 -10.57 -23.97 -16.84
N ALA B 225 -10.89 -24.74 -15.80
CA ALA B 225 -12.24 -24.77 -15.22
C ALA B 225 -12.25 -24.12 -13.84
N LEU B 226 -11.34 -23.19 -13.61
CA LEU B 226 -11.25 -22.50 -12.33
C LEU B 226 -12.35 -21.45 -12.21
N PRO B 227 -12.75 -21.11 -10.99
CA PRO B 227 -13.65 -19.96 -10.80
C PRO B 227 -13.07 -18.71 -11.45
N GLY B 228 -13.88 -18.08 -12.30
CA GLY B 228 -13.37 -16.98 -13.11
C GLY B 228 -12.93 -15.77 -12.33
N HIS B 229 -13.43 -15.59 -11.11
CA HIS B 229 -13.11 -14.42 -10.31
C HIS B 229 -11.85 -14.60 -9.45
N HIS B 230 -11.28 -15.79 -9.43
CA HIS B 230 -10.06 -16.01 -8.67
C HIS B 230 -8.87 -15.53 -9.47
N VAL B 231 -7.88 -14.98 -8.76
CA VAL B 231 -6.65 -14.61 -9.46
C VAL B 231 -6.19 -15.78 -10.31
N SER B 232 -6.18 -16.99 -9.73
CA SER B 232 -5.62 -18.17 -10.40
C SER B 232 -6.15 -18.31 -11.83
N ALA B 233 -7.44 -18.02 -12.05
CA ALA B 233 -7.98 -18.13 -13.39
C ALA B 233 -7.33 -17.12 -14.33
N MET B 234 -7.02 -15.92 -13.86
CA MET B 234 -6.50 -14.84 -14.72
C MET B 234 -5.00 -15.00 -15.02
N SER B 235 -4.21 -15.43 -14.04
CA SER B 235 -2.75 -15.62 -14.17
C SER B 235 -2.41 -16.78 -15.10
N ASN B 236 -3.16 -17.86 -15.05
CA ASN B 236 -3.00 -19.08 -15.83
C ASN B 236 -3.46 -18.85 -17.26
N THR B 237 -4.48 -17.99 -17.44
CA THR B 237 -4.83 -17.56 -18.78
C THR B 237 -3.70 -16.72 -19.38
N LEU B 238 -3.28 -15.66 -18.69
CA LEU B 238 -2.22 -14.80 -19.21
C LEU B 238 -0.91 -15.56 -19.36
N LEU B 239 -0.62 -16.48 -18.42
CA LEU B 239 0.60 -17.28 -18.53
C LEU B 239 0.56 -18.15 -19.77
N GLY B 240 -0.57 -18.82 -20.02
CA GLY B 240 -0.66 -19.69 -21.18
C GLY B 240 -0.44 -18.94 -22.48
N LEU B 241 -1.12 -17.80 -22.64
CA LEU B 241 -0.93 -16.98 -23.83
C LEU B 241 0.54 -16.58 -24.00
N THR B 242 1.23 -16.34 -22.87
CA THR B 242 2.64 -15.95 -22.96
C THR B 242 3.52 -17.10 -23.44
N LEU B 243 3.28 -18.30 -22.92
CA LEU B 243 4.06 -19.47 -23.33
C LEU B 243 3.72 -19.94 -24.73
N GLY B 244 2.65 -19.43 -25.34
CA GLY B 244 2.17 -20.00 -26.58
C GLY B 244 1.45 -21.30 -26.40
N ALA B 245 0.91 -21.55 -25.20
CA ALA B 245 0.19 -22.77 -24.87
C ALA B 245 -1.28 -22.59 -25.19
N PRO B 246 -1.93 -23.54 -25.88
CA PRO B 246 -3.37 -23.44 -26.09
C PRO B 246 -4.10 -23.38 -24.75
N VAL B 247 -4.96 -22.37 -24.61
CA VAL B 247 -5.76 -22.16 -23.41
C VAL B 247 -7.21 -22.49 -23.76
N VAL B 248 -7.88 -23.22 -22.86
CA VAL B 248 -9.26 -23.65 -23.06
C VAL B 248 -10.07 -23.22 -21.85
N HIS B 249 -11.03 -22.32 -22.07
CA HIS B 249 -11.89 -21.81 -21.01
C HIS B 249 -13.17 -22.63 -20.94
N TYR B 250 -13.48 -23.14 -19.75
CA TYR B 250 -14.74 -23.84 -19.48
C TYR B 250 -15.42 -23.19 -18.30
N THR B 251 -16.64 -22.72 -18.52
CA THR B 251 -17.45 -21.99 -17.52
C THR B 251 -18.23 -22.96 -16.64
N ASP B 252 -18.41 -24.21 -17.07
CA ASP B 252 -19.20 -25.18 -16.33
C ASP B 252 -18.28 -26.03 -15.47
N PRO B 253 -18.38 -25.96 -14.14
CA PRO B 253 -17.52 -26.78 -13.28
C PRO B 253 -18.04 -28.18 -12.99
N SER B 254 -19.24 -28.52 -13.46
CA SER B 254 -19.78 -29.85 -13.25
C SER B 254 -18.79 -30.90 -13.75
N GLY B 255 -18.55 -31.92 -12.92
CA GLY B 255 -17.63 -32.96 -13.33
C GLY B 255 -17.94 -33.53 -14.70
N LYS B 256 -19.22 -33.57 -15.07
CA LYS B 256 -19.60 -34.10 -16.38
C LYS B 256 -19.13 -33.18 -17.51
N ALA B 257 -19.30 -31.87 -17.34
CA ALA B 257 -18.90 -30.94 -18.39
C ALA B 257 -17.40 -30.98 -18.61
N VAL B 258 -16.61 -31.09 -17.53
CA VAL B 258 -15.17 -31.14 -17.66
C VAL B 258 -14.73 -32.48 -18.24
N LEU B 259 -15.33 -33.58 -17.76
CA LEU B 259 -15.07 -34.88 -18.35
C LEU B 259 -15.37 -34.86 -19.84
N ASP B 260 -16.47 -34.20 -20.23
CA ASP B 260 -16.74 -34.00 -21.64
C ASP B 260 -15.72 -33.07 -22.27
N GLY B 261 -15.30 -32.04 -21.54
CA GLY B 261 -14.30 -31.12 -22.07
C GLY B 261 -12.96 -31.80 -22.26
N ILE B 262 -12.56 -32.65 -21.31
CA ILE B 262 -11.29 -33.36 -21.44
C ILE B 262 -11.29 -34.23 -22.69
N GLU B 263 -12.38 -34.96 -22.91
CA GLU B 263 -12.47 -35.82 -24.09
C GLU B 263 -12.54 -35.00 -25.37
N LYS B 264 -13.11 -33.80 -25.30
CA LYS B 264 -13.24 -32.97 -26.48
C LYS B 264 -11.91 -32.34 -26.88
N HIS B 265 -11.16 -31.82 -25.91
CA HIS B 265 -9.93 -31.09 -26.20
C HIS B 265 -8.67 -31.91 -25.94
N ARG B 266 -8.79 -32.97 -25.17
CA ARG B 266 -7.62 -33.80 -24.79
C ARG B 266 -6.53 -32.87 -24.23
N PRO B 267 -6.80 -32.15 -23.12
CA PRO B 267 -5.78 -31.27 -22.53
C PRO B 267 -4.72 -32.06 -21.81
N THR B 268 -3.49 -31.55 -21.86
CA THR B 268 -2.40 -32.19 -21.14
C THR B 268 -2.47 -31.90 -19.65
N ILE B 269 -2.94 -30.71 -19.27
CA ILE B 269 -3.10 -30.34 -17.87
C ILE B 269 -4.47 -29.71 -17.68
N VAL B 270 -5.04 -29.90 -16.50
CA VAL B 270 -6.41 -29.48 -16.19
C VAL B 270 -6.37 -28.68 -14.90
N PHE B 271 -6.98 -27.49 -14.93
CA PHE B 271 -7.07 -26.62 -13.76
C PHE B 271 -8.51 -26.58 -13.28
N GLY B 272 -8.72 -26.90 -12.00
CA GLY B 272 -10.02 -26.81 -11.40
C GLY B 272 -9.89 -26.65 -9.90
N PHE B 273 -11.04 -26.60 -9.24
CA PHE B 273 -11.11 -26.64 -7.78
C PHE B 273 -11.60 -28.01 -7.34
N THR B 274 -11.34 -28.34 -6.08
CA THR B 274 -11.62 -29.68 -5.57
C THR B 274 -13.02 -30.16 -5.96
N HIS B 275 -14.03 -29.33 -5.72
CA HIS B 275 -15.41 -29.74 -5.98
C HIS B 275 -15.57 -30.36 -7.36
N THR B 276 -14.95 -29.76 -8.38
CA THR B 276 -15.09 -30.30 -9.74
C THR B 276 -14.47 -31.69 -9.85
N PHE B 277 -13.28 -31.87 -9.29
CA PHE B 277 -12.59 -33.13 -9.43
C PHE B 277 -13.25 -34.24 -8.63
N THR B 278 -13.88 -33.90 -7.50
CA THR B 278 -14.59 -34.91 -6.72
C THR B 278 -15.84 -35.39 -7.45
N GLU B 279 -16.58 -34.47 -8.07
CA GLU B 279 -17.74 -34.87 -8.86
C GLU B 279 -17.33 -35.80 -10.00
N MET B 280 -16.16 -35.54 -10.60
CA MET B 280 -15.69 -36.38 -11.70
C MET B 280 -15.44 -37.80 -11.24
N ALA B 281 -14.79 -37.97 -10.10
CA ALA B 281 -14.50 -39.30 -9.59
C ALA B 281 -15.74 -40.04 -9.13
N ALA B 282 -16.89 -39.35 -9.07
CA ALA B 282 -18.16 -39.99 -8.73
C ALA B 282 -18.90 -40.49 -9.96
N GLU B 283 -18.39 -40.22 -11.16
CA GLU B 283 -19.00 -40.71 -12.38
C GLU B 283 -18.53 -42.14 -12.67
N ASP B 284 -19.11 -42.74 -13.71
CA ASP B 284 -18.71 -44.08 -14.10
C ASP B 284 -17.23 -44.14 -14.42
N LEU B 285 -16.77 -43.27 -15.32
CA LEU B 285 -15.37 -43.23 -15.73
C LEU B 285 -14.88 -44.62 -16.15
N THR B 286 -15.77 -45.41 -16.73
CA THR B 286 -15.42 -46.72 -17.25
C THR B 286 -15.19 -46.71 -18.75
N ASP B 287 -15.90 -45.84 -19.47
CA ASP B 287 -15.74 -45.68 -20.91
C ASP B 287 -15.29 -44.26 -21.26
N ARG B 288 -14.52 -43.64 -20.36
CA ARG B 288 -14.02 -42.29 -20.54
C ARG B 288 -12.53 -42.35 -20.84
N ASP B 289 -12.11 -41.63 -21.89
CA ASP B 289 -10.70 -41.55 -22.27
C ASP B 289 -10.11 -40.28 -21.67
N LEU B 290 -9.38 -40.44 -20.56
CA LEU B 290 -8.71 -39.34 -19.88
C LEU B 290 -7.20 -39.52 -19.91
N THR B 291 -6.69 -40.24 -20.90
CA THR B 291 -5.26 -40.52 -20.97
C THR B 291 -4.44 -39.29 -21.33
N SER B 292 -5.04 -38.30 -22.00
CA SER B 292 -4.28 -37.13 -22.43
C SER B 292 -3.75 -36.34 -21.24
N VAL B 293 -4.42 -36.40 -20.10
CA VAL B 293 -4.12 -35.52 -18.98
C VAL B 293 -2.92 -36.08 -18.22
N GLU B 294 -1.88 -35.25 -18.06
CA GLU B 294 -0.72 -35.62 -17.26
C GLU B 294 -0.73 -35.01 -15.87
N ALA B 295 -1.52 -33.96 -15.63
CA ALA B 295 -1.49 -33.30 -14.34
C ALA B 295 -2.81 -32.57 -14.09
N TYR B 296 -3.39 -32.82 -12.90
CA TYR B 296 -4.54 -32.08 -12.42
C TYR B 296 -4.08 -31.06 -11.39
N TYR B 297 -4.46 -29.80 -11.57
CA TYR B 297 -4.16 -28.73 -10.63
C TYR B 297 -5.44 -28.37 -9.90
N ALA B 298 -5.47 -28.62 -8.59
CA ALA B 298 -6.66 -28.41 -7.77
C ALA B 298 -6.37 -27.30 -6.75
N SER B 299 -7.11 -26.20 -6.85
CA SER B 299 -6.94 -25.08 -5.93
C SER B 299 -7.91 -25.11 -4.77
N GLY B 300 -9.07 -25.76 -4.94
CA GLY B 300 -10.04 -25.96 -3.87
C GLY B 300 -10.07 -24.93 -2.76
N HIS B 304 -8.46 -30.85 0.14
CA HIS B 304 -9.53 -31.52 0.86
C HIS B 304 -10.36 -32.37 -0.09
N ALA B 305 -9.71 -33.34 -0.74
CA ALA B 305 -10.36 -34.20 -1.71
C ALA B 305 -9.89 -35.63 -1.53
N VAL B 306 -10.74 -36.57 -1.91
CA VAL B 306 -10.42 -38.00 -1.87
C VAL B 306 -11.10 -38.66 -3.05
N HIS B 307 -10.60 -39.84 -3.42
CA HIS B 307 -11.00 -40.59 -4.61
C HIS B 307 -10.48 -39.95 -5.89
N ILE B 308 -9.57 -38.98 -5.78
CA ILE B 308 -8.91 -38.46 -6.97
C ILE B 308 -8.14 -39.56 -7.67
N ARG B 309 -7.79 -40.61 -6.94
CA ARG B 309 -7.02 -41.73 -7.55
C ARG B 309 -7.88 -42.35 -8.65
N ARG B 310 -9.20 -42.29 -8.55
CA ARG B 310 -10.05 -42.80 -9.63
C ARG B 310 -9.73 -42.10 -10.94
N LEU B 311 -9.33 -40.82 -10.88
CA LEU B 311 -9.04 -40.06 -12.08
C LEU B 311 -7.58 -40.13 -12.49
N LEU B 312 -6.67 -40.29 -11.52
CA LEU B 312 -5.25 -40.32 -11.84
C LEU B 312 -4.88 -41.62 -12.54
N ASP B 313 -5.37 -42.76 -12.03
CA ASP B 313 -5.07 -44.04 -12.66
C ASP B 313 -5.45 -44.06 -14.13
N LYS B 314 -6.39 -43.21 -14.55
CA LYS B 314 -6.80 -43.13 -15.94
C LYS B 314 -5.85 -42.30 -16.80
N GLY B 315 -4.83 -41.69 -16.21
CA GLY B 315 -3.90 -40.89 -16.98
C GLY B 315 -2.48 -41.44 -16.94
N TYR B 316 -1.54 -40.68 -17.48
CA TYR B 316 -0.15 -41.10 -17.54
C TYR B 316 0.75 -39.92 -17.23
N HIS B 317 2.00 -40.22 -16.89
CA HIS B 317 3.04 -39.20 -16.73
C HIS B 317 4.33 -39.71 -17.34
N THR B 318 5.19 -38.77 -17.71
CA THR B 318 6.47 -39.08 -18.34
C THR B 318 7.59 -39.00 -17.31
N ALA B 319 8.54 -39.92 -17.43
CA ALA B 319 9.64 -40.00 -16.48
C ALA B 319 10.88 -40.49 -17.21
N THR B 320 12.02 -40.36 -16.54
CA THR B 320 13.31 -40.76 -17.09
C THR B 320 13.59 -42.20 -16.68
N GLY B 321 13.78 -43.08 -17.67
CA GLY B 321 14.01 -44.49 -17.40
C GLY B 321 15.47 -44.78 -17.08
N PRO B 322 15.72 -46.02 -16.68
CA PRO B 322 17.09 -46.41 -16.30
C PRO B 322 18.10 -46.19 -17.42
N ASP B 323 17.67 -46.08 -18.67
CA ASP B 323 18.55 -45.76 -19.77
C ASP B 323 18.67 -44.25 -20.00
N LEU B 324 18.23 -43.43 -19.03
CA LEU B 324 18.29 -41.98 -19.14
C LEU B 324 17.53 -41.49 -20.37
N LYS B 325 16.39 -42.12 -20.65
CA LYS B 325 15.53 -41.78 -21.77
C LYS B 325 14.08 -41.70 -21.31
N PRO B 326 13.25 -40.92 -22.00
CA PRO B 326 11.86 -40.78 -21.57
C PRO B 326 11.13 -42.11 -21.53
N LYS B 327 10.22 -42.23 -20.56
CA LYS B 327 9.46 -43.47 -20.36
C LYS B 327 8.06 -43.10 -19.87
N LYS B 328 7.05 -43.64 -20.55
CA LYS B 328 5.66 -43.42 -20.16
C LYS B 328 5.32 -44.29 -18.96
N VAL B 329 4.68 -43.69 -17.96
CA VAL B 329 4.42 -44.39 -16.70
C VAL B 329 2.95 -44.20 -16.31
N PRO B 330 2.26 -45.26 -15.89
CA PRO B 330 0.85 -45.10 -15.49
C PRO B 330 0.71 -44.10 -14.36
N GLY B 331 -0.30 -43.23 -14.48
CA GLY B 331 -0.67 -42.36 -13.38
C GLY B 331 -0.50 -40.89 -13.67
N ALA B 332 -1.61 -40.15 -13.74
CA ALA B 332 -1.54 -38.71 -13.83
C ALA B 332 -1.16 -38.13 -12.47
N ILE B 333 -0.69 -36.89 -12.50
CA ILE B 333 -0.17 -36.22 -11.31
C ILE B 333 -1.26 -35.32 -10.74
N PHE B 334 -1.29 -35.22 -9.41
CA PHE B 334 -2.21 -34.32 -8.72
C PHE B 334 -1.40 -33.32 -7.92
N ILE B 335 -1.65 -32.03 -8.16
CA ILE B 335 -0.93 -30.94 -7.50
C ILE B 335 -1.94 -30.14 -6.69
N ASP B 336 -1.80 -30.17 -5.37
CA ASP B 336 -2.63 -29.36 -4.49
C ASP B 336 -2.08 -27.94 -4.50
N MET B 337 -2.92 -26.98 -4.88
CA MET B 337 -2.51 -25.57 -4.98
C MET B 337 -2.92 -24.88 -3.68
N PHE B 338 -1.93 -24.62 -2.82
CA PHE B 338 -2.14 -23.87 -1.59
C PHE B 338 -1.96 -22.38 -1.91
N GLY B 339 -3.01 -21.60 -1.71
CA GLY B 339 -2.97 -20.20 -2.03
C GLY B 339 -4.33 -19.57 -1.85
N SER B 340 -4.35 -18.26 -2.10
CA SER B 340 -5.57 -17.46 -1.97
C SER B 340 -5.50 -16.33 -2.99
N THR B 341 -6.52 -15.47 -2.95
CA THR B 341 -6.48 -14.27 -3.79
C THR B 341 -5.41 -13.30 -3.32
N GLU B 342 -5.07 -13.32 -2.03
CA GLU B 342 -4.07 -12.39 -1.46
C GLU B 342 -2.67 -12.98 -1.61
N MET B 343 -2.54 -14.29 -1.45
CA MET B 343 -1.21 -14.94 -1.47
C MET B 343 -0.71 -15.03 -2.90
N GLY B 344 -1.50 -14.57 -3.86
CA GLY B 344 -1.13 -14.67 -5.28
C GLY B 344 -1.68 -15.95 -5.84
N TYR B 345 -0.84 -16.81 -6.39
CA TYR B 345 -1.31 -18.07 -7.03
C TYR B 345 -0.81 -19.25 -6.20
N VAL B 346 0.49 -19.49 -6.14
CA VAL B 346 1.07 -20.65 -5.40
C VAL B 346 2.45 -20.26 -4.91
N LEU B 347 2.69 -20.41 -3.61
CA LEU B 347 3.98 -20.07 -2.97
C LEU B 347 4.56 -21.35 -2.42
N PHE B 348 3.91 -22.48 -2.67
CA PHE B 348 4.33 -23.80 -2.12
C PHE B 348 4.30 -24.85 -3.21
N ASP B 349 5.27 -25.77 -3.20
CA ASP B 349 5.40 -26.85 -4.17
C ASP B 349 5.12 -28.18 -3.48
N PHE B 350 3.97 -28.78 -3.79
CA PHE B 350 3.66 -30.12 -3.33
C PHE B 350 2.89 -30.87 -4.42
N VAL B 351 3.12 -32.18 -4.48
CA VAL B 351 2.44 -33.03 -5.44
C VAL B 351 1.92 -34.31 -4.78
N VAL B 358 -0.49 -39.28 6.31
CA VAL B 358 0.47 -38.32 6.86
C VAL B 358 -0.25 -37.44 7.87
N ILE B 359 0.51 -36.87 8.81
CA ILE B 359 -0.03 -36.06 9.89
C ILE B 359 -0.28 -34.66 9.33
N GLY B 360 -1.55 -34.35 9.08
CA GLY B 360 -1.91 -33.08 8.50
C GLY B 360 -1.82 -33.09 6.98
N ARG B 361 -2.54 -32.17 6.36
CA ARG B 361 -2.50 -32.02 4.91
C ARG B 361 -1.18 -31.36 4.53
N CYS B 362 -0.32 -32.08 3.82
CA CYS B 362 0.95 -31.53 3.39
C CYS B 362 0.72 -30.47 2.33
N ILE B 363 1.27 -29.27 2.55
CA ILE B 363 1.18 -28.20 1.58
C ILE B 363 2.47 -28.03 0.79
N GLY B 364 3.57 -28.60 1.25
CA GLY B 364 4.81 -28.64 0.49
C GLY B 364 5.88 -27.74 1.08
N ARG B 365 6.89 -27.46 0.24
CA ARG B 365 7.98 -26.56 0.57
C ARG B 365 7.81 -25.24 -0.15
N PRO B 366 8.36 -24.15 0.39
CA PRO B 366 8.22 -22.85 -0.28
C PRO B 366 8.98 -22.81 -1.58
N MET B 367 8.38 -22.17 -2.58
CA MET B 367 9.06 -21.92 -3.83
C MET B 367 10.17 -20.88 -3.62
N ARG B 368 11.13 -20.87 -4.55
CA ARG B 368 12.32 -20.04 -4.35
C ARG B 368 11.96 -18.59 -4.08
N PHE B 369 10.91 -18.08 -4.72
CA PHE B 369 10.55 -16.68 -4.62
C PHE B 369 9.67 -16.37 -3.40
N ALA B 370 9.61 -17.28 -2.43
CA ALA B 370 8.76 -17.08 -1.26
C ALA B 370 9.44 -17.61 -0.01
N GLN B 371 9.11 -16.99 1.12
CA GLN B 371 9.50 -17.47 2.44
C GLN B 371 8.26 -17.91 3.21
N ALA B 372 8.43 -18.88 4.10
CA ALA B 372 7.34 -19.37 4.92
C ALA B 372 7.84 -19.65 6.33
N ALA B 373 6.95 -19.51 7.30
CA ALA B 373 7.32 -19.75 8.69
C ALA B 373 6.07 -20.14 9.47
N VAL B 374 6.30 -20.81 10.59
CA VAL B 374 5.29 -21.02 11.63
C VAL B 374 5.61 -20.05 12.75
N VAL B 375 4.64 -19.20 13.09
CA VAL B 375 4.88 -18.01 13.89
C VAL B 375 4.13 -18.10 15.20
N GLY B 376 4.79 -17.68 16.28
CA GLY B 376 4.15 -17.57 17.57
C GLY B 376 3.25 -16.36 17.65
N GLU B 377 2.57 -16.23 18.78
CA GLU B 377 1.60 -15.14 18.94
C GLU B 377 2.29 -13.77 18.92
N ASP B 378 3.59 -13.71 19.21
CA ASP B 378 4.32 -12.45 19.21
C ASP B 378 5.16 -12.25 17.95
N GLY B 379 5.03 -13.14 16.96
CA GLY B 379 5.80 -13.04 15.73
C GLY B 379 7.04 -13.91 15.69
N SER B 380 7.42 -14.53 16.81
CA SER B 380 8.61 -15.36 16.84
C SER B 380 8.48 -16.54 15.88
N VAL B 381 9.57 -16.87 15.21
CA VAL B 381 9.60 -18.03 14.32
C VAL B 381 9.72 -19.29 15.16
N LEU B 382 8.84 -20.20 14.95
CA LEU B 382 8.82 -21.37 15.79
C LEU B 382 9.71 -22.47 15.23
N PRO B 383 10.28 -23.31 16.09
CA PRO B 383 11.08 -24.43 15.61
C PRO B 383 10.21 -25.45 14.90
N PRO B 384 10.81 -26.44 14.24
CA PRO B 384 10.00 -27.50 13.63
C PRO B 384 9.31 -28.33 14.71
N GLY B 385 8.09 -28.77 14.39
CA GLY B 385 7.33 -29.60 15.29
C GLY B 385 6.36 -28.86 16.18
N GLN B 386 6.35 -27.53 16.16
CA GLN B 386 5.41 -26.74 16.94
C GLN B 386 4.31 -26.18 16.06
N VAL B 387 3.12 -26.10 16.62
CA VAL B 387 1.95 -25.56 15.93
C VAL B 387 1.94 -24.05 16.10
N GLY B 388 1.70 -23.34 15.00
CA GLY B 388 1.60 -21.90 15.04
C GLY B 388 0.84 -21.41 13.83
N ARG B 389 0.91 -20.10 13.61
CA ARG B 389 0.24 -19.48 12.47
C ARG B 389 1.16 -19.53 11.26
N LEU B 390 0.63 -20.02 10.14
CA LEU B 390 1.38 -20.01 8.90
C LEU B 390 1.51 -18.60 8.37
N GLY B 391 2.74 -18.22 8.00
CA GLY B 391 3.00 -16.91 7.45
C GLY B 391 3.93 -17.00 6.26
N VAL B 392 3.83 -16.01 5.37
CA VAL B 392 4.58 -16.02 4.13
C VAL B 392 5.03 -14.61 3.77
N ARG B 393 6.13 -14.54 3.02
CA ARG B 393 6.63 -13.31 2.41
C ARG B 393 6.91 -13.59 0.93
N SER B 394 6.54 -12.66 0.06
CA SER B 394 6.82 -12.83 -1.36
C SER B 394 6.43 -11.59 -2.13
N LYS B 395 7.20 -11.32 -3.20
CA LYS B 395 6.90 -10.20 -4.08
C LYS B 395 5.62 -10.44 -4.89
N SER B 396 5.18 -11.69 -5.01
CA SER B 396 3.92 -11.98 -5.66
C SER B 396 2.72 -11.76 -4.75
N LEU B 397 2.94 -11.35 -3.51
CA LEU B 397 1.83 -11.03 -2.62
C LEU B 397 1.16 -9.72 -3.03
N THR B 398 -0.13 -9.61 -2.75
CA THR B 398 -0.83 -8.37 -2.95
C THR B 398 -0.13 -7.25 -2.17
N PRO B 399 0.03 -6.06 -2.76
CA PRO B 399 0.60 -4.94 -1.99
C PRO B 399 -0.34 -4.36 -0.95
N GLY B 400 -1.61 -4.73 -0.95
CA GLY B 400 -2.52 -4.24 0.08
C GLY B 400 -3.96 -4.52 -0.25
N PHE B 401 -4.82 -4.21 0.72
CA PHE B 401 -6.27 -4.28 0.54
C PHE B 401 -6.78 -2.94 0.02
N TRP B 402 -7.62 -2.99 -1.01
CA TRP B 402 -8.17 -1.78 -1.62
C TRP B 402 -9.00 -1.00 -0.61
N ASN B 403 -8.57 0.23 -0.32
CA ASN B 403 -9.31 1.17 0.54
C ASN B 403 -9.48 0.65 1.96
N ASP B 404 -8.57 -0.22 2.41
CA ASP B 404 -8.75 -0.87 3.71
C ASP B 404 -7.39 -1.19 4.33
N ASN B 405 -6.64 -0.14 4.65
CA ASN B 405 -5.37 -0.33 5.35
C ASN B 405 -5.58 -0.89 6.75
N VAL B 406 -6.73 -0.60 7.36
CA VAL B 406 -6.96 -1.01 8.75
C VAL B 406 -6.91 -2.53 8.87
N ARG B 407 -7.57 -3.23 7.95
CA ARG B 407 -7.52 -4.68 7.94
C ARG B 407 -6.22 -5.23 7.35
N TRP B 408 -5.52 -4.43 6.53
CA TRP B 408 -4.35 -4.94 5.82
C TRP B 408 -3.20 -5.20 6.77
N HIS B 409 -2.78 -4.18 7.53
CA HIS B 409 -1.61 -4.34 8.40
C HIS B 409 -1.90 -5.30 9.55
N LYS B 410 -3.15 -5.39 10.00
CA LYS B 410 -3.50 -6.32 11.06
C LYS B 410 -3.29 -7.77 10.62
N GLN B 411 -3.16 -8.01 9.32
CA GLN B 411 -2.95 -9.35 8.78
C GLN B 411 -1.48 -9.74 8.75
N TRP B 412 -0.58 -8.88 9.21
CA TRP B 412 0.84 -9.18 9.27
C TRP B 412 1.28 -9.35 10.72
N LEU B 413 2.18 -10.30 10.95
CA LEU B 413 2.68 -10.60 12.29
C LEU B 413 4.14 -11.01 12.14
N GLY B 414 5.02 -10.36 12.89
CA GLY B 414 6.44 -10.65 12.80
C GLY B 414 7.01 -10.50 11.41
N GLY B 415 6.42 -9.64 10.59
CA GLY B 415 6.87 -9.47 9.22
C GLY B 415 6.36 -10.48 8.24
N TYR B 416 5.50 -11.40 8.67
CA TYR B 416 4.93 -12.42 7.80
C TYR B 416 3.45 -12.14 7.60
N PHE B 417 2.99 -12.31 6.36
CA PHE B 417 1.56 -12.21 6.04
C PHE B 417 0.88 -13.51 6.47
N LEU B 418 -0.05 -13.41 7.40
CA LEU B 418 -0.72 -14.60 7.93
C LEU B 418 -1.76 -15.10 6.93
N THR B 419 -1.69 -16.40 6.64
CA THR B 419 -2.64 -17.03 5.72
C THR B 419 -3.99 -17.33 6.36
N GLY B 420 -4.09 -17.25 7.69
CA GLY B 420 -5.28 -17.66 8.39
C GLY B 420 -5.30 -19.12 8.76
N ASP B 421 -4.22 -19.84 8.53
CA ASP B 421 -4.13 -21.26 8.82
C ASP B 421 -3.23 -21.50 10.03
N LEU B 422 -3.49 -22.59 10.74
CA LEU B 422 -2.58 -23.12 11.74
C LEU B 422 -1.83 -24.29 11.13
N ALA B 423 -0.55 -24.42 11.47
CA ALA B 423 0.29 -25.39 10.79
C ALA B 423 1.53 -25.66 11.63
N TYR B 424 2.27 -26.69 11.21
CA TYR B 424 3.61 -26.94 11.70
C TYR B 424 4.49 -27.31 10.51
N ARG B 425 5.80 -27.26 10.72
CA ARG B 425 6.77 -27.68 9.73
C ARG B 425 7.72 -28.70 10.34
N ASP B 426 8.38 -29.47 9.48
CA ASP B 426 9.44 -30.37 9.90
C ASP B 426 10.78 -29.68 9.65
N ALA B 427 11.87 -30.43 9.82
CA ALA B 427 13.20 -29.84 9.74
C ALA B 427 13.63 -29.55 8.30
N ALA B 428 12.90 -30.04 7.30
CA ALA B 428 13.17 -29.74 5.90
C ALA B 428 12.33 -28.58 5.38
N ASN B 429 11.66 -27.86 6.27
CA ASN B 429 10.76 -26.76 5.87
C ASN B 429 9.65 -27.25 4.95
N THR B 430 9.17 -28.46 5.20
CA THR B 430 7.92 -28.94 4.62
C THR B 430 6.80 -28.64 5.60
N PHE B 431 5.74 -27.98 5.12
CA PHE B 431 4.68 -27.48 5.97
C PHE B 431 3.43 -28.34 5.86
N TYR B 432 2.71 -28.42 6.99
CA TYR B 432 1.53 -29.28 7.11
C TYR B 432 0.39 -28.47 7.69
N HIS B 433 -0.77 -28.55 7.05
CA HIS B 433 -1.94 -27.77 7.46
C HIS B 433 -2.77 -28.55 8.46
N LEU B 434 -3.24 -27.85 9.50
CA LEU B 434 -4.01 -28.46 10.57
C LEU B 434 -5.42 -27.90 10.72
N ASP B 435 -5.63 -26.63 10.45
CA ASP B 435 -6.90 -25.98 10.78
C ASP B 435 -6.85 -24.55 10.28
N ARG B 436 -8.02 -23.94 10.18
CA ARG B 436 -8.11 -22.49 10.10
C ARG B 436 -7.97 -21.94 11.52
N THR B 437 -7.23 -20.85 11.66
CA THR B 437 -6.94 -20.32 13.00
C THR B 437 -8.21 -20.12 13.80
N THR B 438 -9.29 -19.69 13.14
CA THR B 438 -10.54 -19.42 13.85
C THR B 438 -11.29 -20.69 14.25
N ASP B 439 -10.89 -21.86 13.73
CA ASP B 439 -11.62 -23.09 13.98
C ASP B 439 -11.03 -23.92 15.11
N ALA B 440 -9.92 -23.49 15.71
CA ALA B 440 -9.26 -24.27 16.75
C ALA B 440 -9.99 -24.08 18.08
N ILE B 441 -10.09 -25.17 18.84
CA ILE B 441 -10.83 -25.19 20.10
C ILE B 441 -9.89 -25.66 21.21
N ARG B 442 -9.71 -24.83 22.23
CA ARG B 442 -8.91 -25.22 23.38
C ARG B 442 -9.74 -26.06 24.34
N THR B 443 -9.13 -27.13 24.84
CA THR B 443 -9.76 -28.03 25.80
C THR B 443 -8.84 -28.19 27.01
N GLU B 444 -9.42 -28.63 28.12
CA GLU B 444 -8.63 -28.90 29.32
C GLU B 444 -7.49 -29.88 29.03
N GLU B 445 -7.66 -30.72 28.00
CA GLU B 445 -6.58 -31.59 27.55
C GLU B 445 -5.56 -30.81 26.73
N GLY B 446 -6.05 -30.08 25.72
CA GLY B 446 -5.21 -29.31 24.85
C GLY B 446 -6.02 -28.83 23.67
N PHE B 447 -5.34 -28.26 22.69
CA PHE B 447 -6.04 -27.71 21.54
C PHE B 447 -6.51 -28.82 20.60
N VAL B 448 -7.74 -28.66 20.12
CA VAL B 448 -8.34 -29.57 19.14
C VAL B 448 -8.39 -28.82 17.81
N TYR B 449 -7.80 -29.40 16.77
CA TYR B 449 -7.79 -28.80 15.45
C TYR B 449 -8.86 -29.48 14.60
N SER B 450 -9.85 -28.69 14.18
CA SER B 450 -11.03 -29.21 13.48
C SER B 450 -10.65 -30.01 12.25
N ALA B 451 -10.08 -29.34 11.24
CA ALA B 451 -9.79 -30.01 9.97
C ALA B 451 -8.94 -31.26 10.19
N TYR B 452 -7.94 -31.19 11.05
CA TYR B 452 -7.11 -32.36 11.30
C TYR B 452 -7.89 -33.44 12.03
N THR B 453 -8.61 -33.06 13.08
CA THR B 453 -9.42 -34.03 13.82
C THR B 453 -10.39 -34.74 12.89
N GLU B 454 -11.07 -33.97 12.03
CA GLU B 454 -11.93 -34.58 11.03
C GLU B 454 -11.13 -35.51 10.12
N GLU B 455 -10.05 -35.01 9.53
CA GLU B 455 -9.24 -35.83 8.63
C GLU B 455 -8.86 -37.16 9.28
N VAL B 456 -8.61 -37.16 10.59
CA VAL B 456 -8.25 -38.39 11.29
C VAL B 456 -9.43 -39.34 11.33
N LEU B 457 -10.56 -38.88 11.90
CA LEU B 457 -11.73 -39.74 12.02
C LEU B 457 -12.23 -40.19 10.66
N LEU B 458 -12.05 -39.37 9.63
CA LEU B 458 -12.50 -39.76 8.29
C LEU B 458 -11.58 -40.83 7.69
N ARG B 459 -10.31 -40.84 8.07
CA ARG B 459 -9.40 -41.87 7.59
C ARG B 459 -9.65 -43.20 8.30
N GLU B 460 -9.98 -43.15 9.59
CA GLU B 460 -10.18 -44.37 10.36
C GLU B 460 -11.47 -45.06 9.97
N TYR B 461 -12.56 -44.30 9.80
CA TYR B 461 -13.88 -44.84 9.52
C TYR B 461 -14.31 -44.37 8.14
N PRO B 462 -14.06 -45.17 7.08
CA PRO B 462 -14.52 -44.79 5.74
C PRO B 462 -16.03 -44.67 5.63
N GLU B 463 -16.78 -45.16 6.62
CA GLU B 463 -18.23 -45.00 6.62
C GLU B 463 -18.68 -43.60 6.99
N ILE B 464 -17.75 -42.71 7.32
CA ILE B 464 -18.07 -41.34 7.72
C ILE B 464 -17.92 -40.45 6.50
N LEU B 465 -19.01 -39.76 6.13
CA LEU B 465 -18.98 -38.84 5.01
C LEU B 465 -18.44 -37.48 5.43
N ASP B 466 -19.05 -36.88 6.45
CA ASP B 466 -18.61 -35.60 6.98
C ASP B 466 -18.44 -35.69 8.48
N CYS B 467 -17.73 -34.70 9.02
CA CYS B 467 -17.54 -34.58 10.47
C CYS B 467 -17.35 -33.11 10.78
N THR B 468 -17.94 -32.66 11.89
CA THR B 468 -17.84 -31.27 12.33
C THR B 468 -17.68 -31.24 13.83
N VAL B 469 -16.54 -30.72 14.31
CA VAL B 469 -16.34 -30.51 15.74
C VAL B 469 -16.91 -29.15 16.11
N VAL B 470 -17.39 -29.04 17.34
CA VAL B 470 -18.04 -27.83 17.82
C VAL B 470 -17.66 -27.62 19.28
N GLY B 471 -17.38 -26.36 19.65
CA GLY B 471 -17.01 -26.02 21.01
C GLY B 471 -18.22 -25.55 21.78
N LEU B 472 -18.36 -26.08 23.00
CA LEU B 472 -19.44 -25.73 23.90
C LEU B 472 -18.84 -25.23 25.21
N ALA B 473 -19.23 -24.03 25.62
CA ALA B 473 -18.70 -23.44 26.84
C ALA B 473 -19.76 -22.53 27.45
N ASP B 474 -19.54 -22.18 28.72
CA ASP B 474 -20.51 -21.39 29.45
C ASP B 474 -20.50 -19.93 28.96
N GLU B 475 -21.33 -19.11 29.60
CA GLU B 475 -21.51 -17.73 29.16
C GLU B 475 -20.22 -16.94 29.33
N GLY B 476 -19.92 -16.11 28.34
CA GLY B 476 -18.72 -15.31 28.35
C GLY B 476 -17.42 -16.06 28.14
N VAL B 477 -17.48 -17.39 28.00
CA VAL B 477 -16.28 -18.19 27.89
C VAL B 477 -15.85 -18.21 26.42
N GLU B 478 -14.64 -17.71 26.15
CA GLU B 478 -14.03 -17.75 24.83
C GLU B 478 -12.89 -18.75 24.84
N PHE B 479 -12.79 -19.55 23.78
CA PHE B 479 -11.88 -20.70 23.78
C PHE B 479 -11.14 -20.88 22.47
N GLY B 480 -11.01 -19.83 21.66
CA GLY B 480 -10.27 -19.92 20.42
C GLY B 480 -8.77 -19.87 20.63
N TRP B 481 -8.05 -19.94 19.51
CA TRP B 481 -6.60 -19.86 19.54
C TRP B 481 -6.13 -18.62 20.31
N GLU B 482 -6.71 -17.46 20.01
CA GLU B 482 -6.29 -16.20 20.60
C GLU B 482 -6.82 -16.00 22.02
N ASP B 483 -7.61 -16.91 22.54
CA ASP B 483 -8.25 -16.76 23.83
C ASP B 483 -7.59 -17.66 24.87
N GLU B 484 -8.22 -17.78 26.04
CA GLU B 484 -7.69 -18.58 27.13
C GLU B 484 -8.67 -19.60 27.70
N GLY B 485 -9.94 -19.56 27.31
CA GLY B 485 -10.90 -20.48 27.87
C GLY B 485 -10.84 -21.86 27.24
N VAL B 486 -11.27 -22.85 28.01
CA VAL B 486 -11.36 -24.23 27.54
C VAL B 486 -12.83 -24.56 27.31
N ALA B 487 -13.06 -25.60 26.51
CA ALA B 487 -14.42 -25.95 26.13
C ALA B 487 -14.50 -27.45 25.88
N THR B 488 -15.75 -27.94 25.80
CA THR B 488 -16.04 -29.33 25.53
C THR B 488 -16.38 -29.49 24.05
N VAL B 489 -15.79 -30.49 23.41
CA VAL B 489 -15.99 -30.71 21.98
C VAL B 489 -17.13 -31.70 21.78
N TYR B 490 -18.06 -31.36 20.88
CA TYR B 490 -19.13 -32.23 20.46
C TYR B 490 -19.00 -32.47 18.96
N ALA B 491 -19.05 -33.74 18.55
CA ALA B 491 -18.87 -34.12 17.16
C ALA B 491 -20.23 -34.37 16.50
N LEU B 492 -20.35 -33.94 15.25
CA LEU B 492 -21.55 -34.16 14.44
C LEU B 492 -21.11 -34.83 13.16
N VAL B 493 -21.51 -36.09 12.98
CA VAL B 493 -20.97 -36.95 11.93
C VAL B 493 -22.09 -37.34 10.99
N ASN B 494 -21.95 -36.95 9.72
CA ASN B 494 -22.80 -37.48 8.66
C ASN B 494 -22.23 -38.79 8.17
N LEU B 495 -23.06 -39.82 8.12
CA LEU B 495 -22.62 -41.15 7.74
C LEU B 495 -23.02 -41.46 6.30
N VAL B 496 -22.28 -42.37 5.68
CA VAL B 496 -22.47 -42.68 4.26
C VAL B 496 -23.88 -43.22 4.06
N GLU B 497 -24.29 -43.32 2.79
CA GLU B 497 -25.67 -43.70 2.47
C GLU B 497 -25.96 -45.12 2.95
N GLY B 498 -27.08 -45.28 3.66
CA GLY B 498 -27.49 -46.57 4.16
C GLY B 498 -26.54 -47.15 5.20
N ALA B 499 -25.48 -46.41 5.52
CA ALA B 499 -24.49 -46.90 6.46
C ALA B 499 -25.14 -47.18 7.81
N GLU B 500 -24.60 -48.18 8.51
CA GLU B 500 -25.13 -48.57 9.81
C GLU B 500 -24.60 -47.64 10.88
N ALA B 501 -25.51 -47.04 11.64
CA ALA B 501 -25.12 -46.17 12.74
C ALA B 501 -24.57 -47.01 13.89
N PRO B 502 -23.59 -46.49 14.63
CA PRO B 502 -23.05 -47.22 15.77
C PRO B 502 -24.01 -47.14 16.96
N GLN B 503 -23.69 -47.91 18.00
CA GLN B 503 -24.47 -47.87 19.21
C GLN B 503 -24.00 -46.76 20.15
N ASP B 504 -22.69 -46.67 20.38
CA ASP B 504 -22.11 -45.63 21.20
C ASP B 504 -21.29 -44.70 20.34
N PRO B 505 -21.92 -43.78 19.59
CA PRO B 505 -21.15 -42.92 18.68
C PRO B 505 -20.04 -42.15 19.38
N THR B 506 -20.27 -41.70 20.61
CA THR B 506 -19.24 -40.98 21.35
C THR B 506 -18.04 -41.88 21.63
N ALA B 507 -18.29 -43.14 22.01
CA ALA B 507 -17.19 -44.08 22.22
C ALA B 507 -16.58 -44.50 20.89
N TRP B 508 -17.40 -44.59 19.84
CA TRP B 508 -16.88 -44.90 18.51
C TRP B 508 -15.86 -43.85 18.07
N ILE B 509 -16.22 -42.58 18.15
CA ILE B 509 -15.31 -41.51 17.80
C ILE B 509 -14.06 -41.57 18.69
N ASN B 510 -14.26 -41.57 20.00
CA ASN B 510 -13.13 -41.56 20.93
C ASN B 510 -12.23 -42.77 20.77
N GLU B 511 -12.69 -43.84 20.13
CA GLU B 511 -11.83 -44.99 19.91
C GLU B 511 -10.74 -44.66 18.90
N ALA B 512 -11.09 -43.92 17.84
CA ALA B 512 -10.09 -43.51 16.85
C ALA B 512 -9.23 -42.38 17.40
N LEU B 513 -9.85 -41.39 18.05
CA LEU B 513 -9.08 -40.31 18.66
C LEU B 513 -8.07 -40.85 19.68
N GLY B 514 -8.42 -41.96 20.34
CA GLY B 514 -7.50 -42.53 21.31
C GLY B 514 -6.32 -43.23 20.64
N ARG B 515 -6.57 -43.93 19.54
CA ARG B 515 -5.48 -44.59 18.82
C ARG B 515 -4.42 -43.58 18.39
N ALA B 516 -4.84 -42.42 17.92
CA ALA B 516 -3.92 -41.38 17.48
C ALA B 516 -3.42 -40.51 18.62
N GLY B 517 -3.86 -40.77 19.85
CA GLY B 517 -3.44 -39.94 20.97
C GLY B 517 -4.05 -38.56 20.99
N LEU B 518 -5.12 -38.34 20.23
CA LEU B 518 -5.72 -37.03 20.15
C LEU B 518 -6.69 -36.80 21.31
N PRO B 519 -6.92 -35.55 21.69
CA PRO B 519 -7.96 -35.27 22.69
C PRO B 519 -9.30 -35.84 22.25
N ARG B 520 -10.04 -36.39 23.21
CA ARG B 520 -11.31 -37.03 22.94
C ARG B 520 -12.46 -36.03 23.05
N VAL B 521 -13.55 -36.34 22.35
CA VAL B 521 -14.74 -35.50 22.37
C VAL B 521 -15.63 -35.91 23.54
N ALA B 522 -16.36 -34.94 24.08
CA ALA B 522 -17.27 -35.23 25.17
C ALA B 522 -18.56 -35.88 24.69
N GLY B 523 -18.95 -35.64 23.45
CA GLY B 523 -20.18 -36.19 22.92
C GLY B 523 -20.12 -36.28 21.41
N ALA B 524 -21.02 -37.09 20.85
CA ALA B 524 -21.08 -37.29 19.41
C ALA B 524 -22.48 -37.75 19.06
N ALA B 525 -22.92 -37.41 17.85
CA ALA B 525 -24.27 -37.72 17.41
C ALA B 525 -24.30 -37.81 15.90
N ILE B 526 -24.99 -38.83 15.39
CA ILE B 526 -25.14 -39.02 13.95
C ILE B 526 -26.17 -38.03 13.42
N VAL B 527 -25.97 -37.60 12.17
CA VAL B 527 -26.85 -36.64 11.53
C VAL B 527 -27.41 -37.25 10.24
#